data_7L78
#
_entry.id   7L78
#
_cell.length_a   49.987
_cell.length_b   51.632
_cell.length_c   287.336
_cell.angle_alpha   90.000
_cell.angle_beta   90.000
_cell.angle_gamma   90.000
#
_symmetry.space_group_name_H-M   'P 21 21 21'
#
loop_
_entity.id
_entity.type
_entity.pdbx_description
1 polymer 'Ferrochelatase, mitochondrial'
2 non-polymer 'CHOLIC ACID'
3 water water
#
_entity_poly.entity_id   1
_entity_poly.type   'polypeptide(L)'
_entity_poly.pdbx_seq_one_letter_code
;RSPTGIVLMNMGGPSKVEETYDFLYQLFADNDLIPISAKYQKTIAKYIAKFRTPKIEKQYREIGGGSPIRKWSEYQATEV
CKILDKTCPETAPHKPYVAFRYAKPLTAETYKQMLKDGVEKAVAFSQYPHFSYSTTGSSINELWRQIKALDSERSISWSV
IDRWPTNEGLIKAFSENITKKLQEFPQPVRDKVVLLFSACSLPMDVVNTGDAYPAEVAATVYNIMQKLKFKNPYRLVWQS
QVGPKPWLGAQTAEIAEFLGPKVDGLMFIPIAFTSDHIETLHEIDLGVIGESEYKDKFKRCESLNGNQTFIEGMADLVKS
HLQSNQLYSNQLPLDFALGKSNDPVKDLSLVFGNHE
;
_entity_poly.pdbx_strand_id   A,B
#
loop_
_chem_comp.id
_chem_comp.type
_chem_comp.name
_chem_comp.formula
CHD non-polymer 'CHOLIC ACID' 'C24 H40 O5'
#
# COMPACT_ATOMS: atom_id res chain seq x y z
N ARG A 1 34.11 -21.09 20.83
CA ARG A 1 33.50 -19.77 20.85
C ARG A 1 32.02 -19.84 21.29
N SER A 2 31.57 -18.77 21.96
CA SER A 2 30.16 -18.63 22.22
C SER A 2 29.39 -18.50 20.90
N PRO A 3 28.14 -18.93 20.85
CA PRO A 3 27.38 -18.81 19.60
C PRO A 3 26.56 -17.54 19.61
N THR A 4 26.36 -16.96 18.44
CA THR A 4 25.43 -15.83 18.35
C THR A 4 24.08 -16.36 17.88
N GLY A 5 23.02 -15.92 18.56
CA GLY A 5 21.70 -16.49 18.35
C GLY A 5 20.89 -15.85 17.24
N ILE A 6 20.46 -16.66 16.28
CA ILE A 6 19.61 -16.19 15.18
C ILE A 6 18.23 -16.82 15.34
N VAL A 7 17.26 -16.02 15.78
CA VAL A 7 15.93 -16.47 16.22
C VAL A 7 14.87 -15.99 15.22
N LEU A 8 14.46 -16.89 14.31
CA LEU A 8 13.26 -16.69 13.50
C LEU A 8 12.01 -16.61 14.38
N MET A 9 11.17 -15.61 14.14
CA MET A 9 9.98 -15.41 14.95
C MET A 9 8.76 -15.24 14.08
N ASN A 10 7.67 -15.89 14.49
CA ASN A 10 6.33 -15.58 13.99
C ASN A 10 5.33 -16.25 14.92
N MET A 11 4.05 -15.96 14.67
CA MET A 11 2.98 -16.50 15.51
C MET A 11 3.11 -18.02 15.68
N GLY A 12 3.60 -18.72 14.66
CA GLY A 12 3.69 -20.17 14.71
C GLY A 12 2.34 -20.83 14.50
N GLY A 13 2.36 -22.16 14.42
CA GLY A 13 1.17 -22.97 14.41
C GLY A 13 1.42 -24.28 15.12
N PRO A 14 0.36 -25.04 15.43
CA PRO A 14 0.54 -26.30 16.18
C PRO A 14 1.14 -27.39 15.29
N SER A 15 2.33 -27.86 15.66
CA SER A 15 2.99 -28.92 14.90
C SER A 15 2.12 -30.17 14.81
N LYS A 16 1.42 -30.49 15.89
CA LYS A 16 0.56 -31.65 16.02
C LYS A 16 -0.80 -31.20 16.54
N VAL A 17 -1.83 -32.03 16.29
CA VAL A 17 -3.19 -31.60 16.60
C VAL A 17 -3.38 -31.45 18.10
N GLU A 18 -2.57 -32.13 18.90
CA GLU A 18 -2.70 -32.04 20.35
C GLU A 18 -2.24 -30.71 20.90
N GLU A 19 -1.49 -29.93 20.13
CA GLU A 19 -1.08 -28.59 20.58
C GLU A 19 -2.11 -27.53 20.27
N THR A 20 -3.20 -27.90 19.60
CA THR A 20 -4.18 -26.90 19.19
C THR A 20 -4.70 -26.11 20.38
N TYR A 21 -5.06 -26.78 21.46
CA TYR A 21 -5.67 -26.05 22.58
C TYR A 21 -4.70 -25.03 23.17
N ASP A 22 -3.48 -25.47 23.51
CA ASP A 22 -2.47 -24.56 24.03
C ASP A 22 -2.26 -23.37 23.09
N PHE A 23 -2.02 -23.65 21.82
CA PHE A 23 -1.82 -22.60 20.84
C PHE A 23 -2.97 -21.61 20.84
N LEU A 24 -4.22 -22.09 20.85
CA LEU A 24 -5.35 -21.17 20.78
C LEU A 24 -5.47 -20.37 22.07
N TYR A 25 -5.22 -21.00 23.22
CA TYR A 25 -5.26 -20.25 24.47
C TYR A 25 -4.21 -19.14 24.46
N GLN A 26 -2.99 -19.46 24.01
CA GLN A 26 -1.96 -18.42 23.90
C GLN A 26 -2.44 -17.25 23.05
N LEU A 27 -3.04 -17.55 21.90
CA LEU A 27 -3.47 -16.52 20.95
C LEU A 27 -4.62 -15.67 21.52
N PHE A 28 -5.62 -16.31 22.15
CA PHE A 28 -6.74 -15.54 22.67
C PHE A 28 -6.42 -14.82 23.97
N ALA A 29 -5.35 -15.24 24.68
CA ALA A 29 -4.86 -14.49 25.83
C ALA A 29 -4.05 -13.24 25.47
N ASP A 30 -3.57 -13.12 24.23
CA ASP A 30 -2.73 -11.99 23.84
C ASP A 30 -3.60 -10.78 23.56
N ASN A 31 -3.67 -9.87 24.52
CA ASN A 31 -4.49 -8.68 24.40
C ASN A 31 -3.97 -7.70 23.33
N ASP A 32 -2.69 -7.83 22.91
CA ASP A 32 -2.15 -7.04 21.80
C ASP A 32 -2.76 -7.44 20.46
N LEU A 33 -3.36 -8.62 20.39
CA LEU A 33 -3.88 -9.20 19.17
C LEU A 33 -5.40 -9.12 19.07
N ILE A 34 -6.10 -9.58 20.09
CA ILE A 34 -7.55 -9.51 20.15
C ILE A 34 -7.90 -8.89 21.49
N PRO A 35 -8.00 -7.58 21.56
CA PRO A 35 -8.31 -6.92 22.82
C PRO A 35 -9.72 -7.24 23.34
N ILE A 36 -9.78 -8.07 24.37
CA ILE A 36 -10.99 -8.34 25.15
C ILE A 36 -10.60 -8.13 26.61
N SER A 37 -11.06 -7.05 27.23
CA SER A 37 -10.90 -6.89 28.67
C SER A 37 -9.47 -6.78 29.20
N ALA A 38 -9.22 -5.74 30.00
CA ALA A 38 -7.93 -5.62 30.67
C ALA A 38 -7.72 -6.74 31.67
N LYS A 39 -8.69 -6.95 32.57
CA LYS A 39 -8.49 -7.96 33.62
C LYS A 39 -8.59 -9.38 33.05
N TYR A 40 -9.81 -9.84 32.73
CA TYR A 40 -10.14 -11.25 32.58
C TYR A 40 -9.73 -11.85 31.25
N GLN A 41 -8.80 -11.24 30.52
CA GLN A 41 -8.45 -11.74 29.20
C GLN A 41 -8.04 -13.21 29.24
N LYS A 42 -7.32 -13.62 30.26
CA LYS A 42 -6.80 -14.98 30.19
C LYS A 42 -7.82 -16.04 30.67
N THR A 43 -8.77 -15.75 31.57
CA THR A 43 -9.85 -16.73 31.76
C THR A 43 -10.69 -16.85 30.51
N ILE A 44 -11.08 -15.70 29.94
CA ILE A 44 -11.91 -15.73 28.75
C ILE A 44 -11.21 -16.51 27.66
N ALA A 45 -9.90 -16.33 27.53
CA ALA A 45 -9.13 -17.10 26.57
C ALA A 45 -9.28 -18.60 26.78
N LYS A 46 -9.23 -19.03 28.05
CA LYS A 46 -9.43 -20.43 28.40
C LYS A 46 -10.71 -20.96 27.80
N TYR A 47 -11.81 -20.25 28.01
CA TYR A 47 -13.09 -20.71 27.47
C TYR A 47 -13.01 -20.80 25.97
N ILE A 48 -12.76 -19.66 25.31
CA ILE A 48 -12.76 -19.62 23.86
C ILE A 48 -11.89 -20.73 23.30
N ALA A 49 -10.74 -20.99 23.93
CA ALA A 49 -9.88 -22.02 23.38
C ALA A 49 -10.44 -23.41 23.62
N LYS A 50 -11.22 -23.60 24.68
CA LYS A 50 -11.89 -24.89 24.86
C LYS A 50 -12.95 -25.09 23.78
N PHE A 51 -13.77 -24.05 23.56
CA PHE A 51 -14.79 -24.00 22.54
C PHE A 51 -14.25 -24.34 21.15
N ARG A 52 -13.37 -23.47 20.63
CA ARG A 52 -13.01 -23.50 19.22
C ARG A 52 -11.92 -24.52 18.90
N THR A 53 -11.45 -25.28 19.88
CA THR A 53 -10.35 -26.19 19.60
C THR A 53 -10.72 -27.33 18.66
N PRO A 54 -11.88 -27.99 18.77
CA PRO A 54 -12.16 -29.10 17.85
C PRO A 54 -12.38 -28.67 16.39
N LYS A 55 -12.96 -27.50 16.14
CA LYS A 55 -13.06 -27.03 14.77
C LYS A 55 -11.67 -26.82 14.16
N ILE A 56 -10.83 -26.01 14.81
CA ILE A 56 -9.46 -25.82 14.33
C ILE A 56 -8.74 -27.16 14.23
N GLU A 57 -8.99 -28.06 15.17
CA GLU A 57 -8.31 -29.36 15.19
C GLU A 57 -8.64 -30.17 13.94
N LYS A 58 -9.91 -30.19 13.53
CA LYS A 58 -10.27 -30.94 12.33
C LYS A 58 -9.65 -30.31 11.08
N GLN A 59 -9.67 -28.97 11.00
CA GLN A 59 -9.07 -28.29 9.87
C GLN A 59 -7.62 -28.73 9.64
N TYR A 60 -6.87 -28.96 10.72
CA TYR A 60 -5.47 -29.34 10.57
C TYR A 60 -5.34 -30.77 10.10
N ARG A 61 -6.21 -31.64 10.62
CA ARG A 61 -6.25 -33.01 10.13
C ARG A 61 -6.60 -33.05 8.65
N GLU A 62 -7.40 -32.08 8.17
CA GLU A 62 -7.76 -31.99 6.75
C GLU A 62 -6.60 -31.54 5.87
N ILE A 63 -5.58 -30.87 6.43
CA ILE A 63 -4.40 -30.52 5.63
C ILE A 63 -3.21 -31.39 5.95
N GLY A 64 -3.33 -32.30 6.91
CA GLY A 64 -2.36 -33.37 7.00
C GLY A 64 -1.88 -33.73 8.39
N GLY A 65 -2.44 -33.12 9.43
CA GLY A 65 -2.06 -33.43 10.79
C GLY A 65 -1.46 -32.28 11.57
N GLY A 66 -1.19 -31.13 10.96
CA GLY A 66 -0.71 -29.99 11.72
C GLY A 66 -0.18 -28.91 10.82
N SER A 67 0.36 -27.86 11.48
CA SER A 67 0.95 -26.74 10.77
C SER A 67 2.38 -27.07 10.36
N PRO A 68 2.75 -26.91 9.10
CA PRO A 68 4.15 -27.02 8.70
C PRO A 68 5.00 -25.80 9.02
N ILE A 69 4.48 -24.83 9.78
CA ILE A 69 5.25 -23.62 10.08
C ILE A 69 6.55 -23.98 10.78
N ARG A 70 6.46 -24.75 11.85
CA ARG A 70 7.65 -25.01 12.67
C ARG A 70 8.72 -25.70 11.84
N LYS A 71 8.32 -26.73 11.11
CA LYS A 71 9.27 -27.41 10.24
C LYS A 71 9.98 -26.44 9.31
N TRP A 72 9.23 -25.56 8.63
CA TRP A 72 9.90 -24.70 7.67
C TRP A 72 10.72 -23.63 8.36
N SER A 73 10.23 -23.12 9.49
CA SER A 73 11.01 -22.13 10.22
C SER A 73 12.39 -22.68 10.57
N GLU A 74 12.42 -23.79 11.32
CA GLU A 74 13.67 -24.44 11.71
C GLU A 74 14.53 -24.77 10.51
N TYR A 75 13.95 -25.24 9.40
CA TYR A 75 14.75 -25.48 8.22
C TYR A 75 15.35 -24.19 7.64
N GLN A 76 14.62 -23.07 7.70
CA GLN A 76 15.18 -21.83 7.15
C GLN A 76 16.27 -21.29 8.05
N ALA A 77 16.05 -21.31 9.37
CA ALA A 77 17.08 -20.93 10.32
C ALA A 77 18.38 -21.70 10.05
N THR A 78 18.28 -23.01 9.87
CA THR A 78 19.49 -23.82 9.73
C THR A 78 20.21 -23.49 8.43
N GLU A 79 19.48 -23.45 7.32
CA GLU A 79 20.13 -23.13 6.07
C GLU A 79 20.72 -21.71 6.06
N VAL A 80 20.11 -20.80 6.81
CA VAL A 80 20.60 -19.41 6.84
C VAL A 80 21.84 -19.29 7.72
N CYS A 81 21.81 -19.92 8.89
CA CYS A 81 22.97 -19.94 9.78
C CYS A 81 24.18 -20.57 9.11
N LYS A 82 23.96 -21.58 8.27
CA LYS A 82 25.08 -22.21 7.60
C LYS A 82 25.63 -21.38 6.46
N ILE A 83 24.85 -20.46 5.90
CA ILE A 83 25.42 -19.48 4.98
C ILE A 83 26.22 -18.45 5.77
N LEU A 84 25.65 -17.98 6.89
CA LEU A 84 26.34 -16.97 7.68
C LEU A 84 27.70 -17.45 8.15
N ASP A 85 27.81 -18.73 8.52
CA ASP A 85 29.09 -19.26 9.02
C ASP A 85 30.19 -19.05 8.00
N LYS A 86 29.89 -19.22 6.71
CA LYS A 86 30.85 -18.89 5.67
C LYS A 86 30.92 -17.40 5.38
N THR A 87 29.86 -16.65 5.69
CA THR A 87 29.65 -15.27 5.26
C THR A 87 30.08 -14.27 6.32
N CYS A 88 29.90 -14.63 7.59
CA CYS A 88 30.08 -13.73 8.73
C CYS A 88 30.97 -14.39 9.78
N PRO A 89 32.23 -14.69 9.44
CA PRO A 89 33.07 -15.43 10.40
C PRO A 89 33.26 -14.72 11.71
N GLU A 90 33.05 -13.40 11.74
CA GLU A 90 33.31 -12.64 12.96
C GLU A 90 32.34 -13.02 14.07
N THR A 91 31.15 -13.48 13.72
CA THR A 91 30.15 -13.84 14.71
C THR A 91 29.74 -15.32 14.60
N ALA A 92 30.49 -16.10 13.83
CA ALA A 92 30.34 -17.54 13.87
C ALA A 92 30.78 -18.08 15.23
N PRO A 93 30.24 -19.22 15.68
CA PRO A 93 29.23 -20.03 15.00
C PRO A 93 27.86 -19.39 15.16
N HIS A 94 27.07 -19.38 14.10
CA HIS A 94 25.68 -18.94 14.19
C HIS A 94 24.78 -20.14 14.53
N LYS A 95 24.03 -20.02 15.62
CA LYS A 95 23.19 -21.11 16.08
C LYS A 95 21.73 -20.79 15.84
N PRO A 96 21.01 -21.63 15.13
CA PRO A 96 19.64 -21.30 14.77
C PRO A 96 18.63 -21.67 15.86
N TYR A 97 17.74 -20.74 16.18
CA TYR A 97 16.58 -20.97 17.03
C TYR A 97 15.33 -20.53 16.30
N VAL A 98 14.19 -21.04 16.78
CA VAL A 98 12.87 -20.54 16.40
C VAL A 98 12.15 -20.17 17.68
N ALA A 99 11.32 -19.12 17.61
CA ALA A 99 10.54 -18.68 18.76
C ALA A 99 9.18 -18.17 18.28
N PHE A 100 8.12 -18.88 18.63
CA PHE A 100 6.80 -18.55 18.12
C PHE A 100 6.00 -17.84 19.20
N ARG A 101 5.15 -16.90 18.80
CA ARG A 101 4.43 -16.09 19.77
C ARG A 101 3.33 -16.90 20.48
N TYR A 102 2.78 -17.91 19.80
CA TYR A 102 1.73 -18.74 20.40
C TYR A 102 1.97 -20.23 20.30
N ALA A 103 2.80 -20.70 19.38
CA ALA A 103 3.09 -22.10 19.24
C ALA A 103 4.35 -22.48 20.04
N LYS A 104 4.71 -23.74 19.94
CA LYS A 104 5.87 -24.23 20.61
C LYS A 104 6.97 -24.52 19.60
N PRO A 105 8.24 -24.21 19.92
CA PRO A 105 8.60 -23.70 21.26
C PRO A 105 8.25 -22.23 21.43
N LEU A 106 7.62 -21.87 22.55
CA LEU A 106 7.23 -20.48 22.77
C LEU A 106 8.49 -19.64 22.98
N THR A 107 8.30 -18.32 23.14
CA THR A 107 9.48 -17.46 23.27
C THR A 107 10.14 -17.66 24.63
N ALA A 108 9.34 -17.88 25.70
CA ALA A 108 9.90 -18.26 27.00
C ALA A 108 10.73 -19.53 26.89
N GLU A 109 10.19 -20.55 26.22
CA GLU A 109 10.92 -21.79 26.07
C GLU A 109 12.25 -21.52 25.35
N THR A 110 12.19 -20.86 24.20
CA THR A 110 13.38 -20.72 23.39
C THR A 110 14.41 -19.83 24.08
N TYR A 111 13.96 -18.81 24.80
CA TYR A 111 14.86 -18.02 25.61
C TYR A 111 15.66 -18.89 26.56
N LYS A 112 14.95 -19.65 27.42
CA LYS A 112 15.63 -20.51 28.39
C LYS A 112 16.68 -21.39 27.71
N GLN A 113 16.36 -21.94 26.53
CA GLN A 113 17.38 -22.69 25.80
C GLN A 113 18.60 -21.83 25.49
N MET A 114 18.38 -20.55 25.23
CA MET A 114 19.49 -19.71 24.78
C MET A 114 20.41 -19.35 25.94
N LEU A 115 19.83 -18.92 27.06
CA LEU A 115 20.61 -18.78 28.28
C LEU A 115 21.43 -20.04 28.54
N LYS A 116 20.78 -21.22 28.53
CA LYS A 116 21.50 -22.45 28.82
C LYS A 116 22.61 -22.72 27.81
N ASP A 117 22.42 -22.36 26.54
CA ASP A 117 23.45 -22.62 25.54
C ASP A 117 24.60 -21.62 25.58
N GLY A 118 24.47 -20.54 26.33
CA GLY A 118 25.52 -19.55 26.43
C GLY A 118 25.51 -18.44 25.42
N VAL A 119 24.42 -18.29 24.65
CA VAL A 119 24.31 -17.18 23.71
C VAL A 119 24.47 -15.87 24.46
N GLU A 120 25.29 -14.97 23.93
CA GLU A 120 25.37 -13.64 24.47
C GLU A 120 24.92 -12.58 23.48
N LYS A 121 24.89 -12.89 22.20
CA LYS A 121 24.42 -11.96 21.20
C LYS A 121 23.33 -12.62 20.36
N ALA A 122 22.17 -11.96 20.26
CA ALA A 122 21.06 -12.60 19.56
C ALA A 122 20.29 -11.59 18.70
N VAL A 123 19.86 -12.04 17.52
CA VAL A 123 19.00 -11.26 16.63
C VAL A 123 17.59 -11.86 16.64
N ALA A 124 16.63 -11.12 17.16
CA ALA A 124 15.22 -11.42 16.92
C ALA A 124 14.90 -11.21 15.43
N PHE A 125 14.75 -12.28 14.68
CA PHE A 125 14.50 -12.17 13.24
C PHE A 125 13.00 -12.40 12.99
N SER A 126 12.26 -11.31 12.80
CA SER A 126 10.84 -11.47 12.55
C SER A 126 10.66 -12.02 11.15
N GLN A 127 9.91 -13.11 11.03
CA GLN A 127 9.78 -13.72 9.71
C GLN A 127 8.75 -13.01 8.84
N TYR A 128 8.04 -12.04 9.39
CA TYR A 128 7.15 -11.19 8.62
C TYR A 128 7.96 -10.11 7.93
N PRO A 129 8.07 -10.11 6.59
CA PRO A 129 8.70 -8.98 5.90
C PRO A 129 7.95 -7.68 6.07
N HIS A 130 6.74 -7.74 6.58
CA HIS A 130 5.88 -6.58 6.72
C HIS A 130 5.57 -6.45 8.21
N PHE A 131 6.06 -5.38 8.81
CA PHE A 131 5.79 -5.14 10.21
C PHE A 131 4.29 -4.93 10.43
N SER A 132 3.76 -5.61 11.44
CA SER A 132 2.48 -5.21 11.99
C SER A 132 2.59 -5.24 13.49
N TYR A 133 1.95 -4.28 14.14
CA TYR A 133 2.05 -4.23 15.59
C TYR A 133 1.43 -5.47 16.22
N SER A 134 0.40 -6.03 15.59
CA SER A 134 -0.29 -7.17 16.22
C SER A 134 0.45 -8.48 16.04
N THR A 135 1.51 -8.50 15.23
CA THR A 135 2.37 -9.65 15.05
C THR A 135 3.77 -9.32 15.58
N THR A 136 4.51 -8.45 14.92
CA THR A 136 5.88 -8.18 15.32
C THR A 136 5.94 -7.29 16.57
N GLY A 137 5.12 -6.23 16.61
CA GLY A 137 5.02 -5.44 17.83
C GLY A 137 4.65 -6.27 19.05
N SER A 138 3.70 -7.19 18.89
CA SER A 138 3.30 -8.06 19.99
C SER A 138 4.43 -9.01 20.35
N SER A 139 5.11 -9.52 19.33
CA SER A 139 6.24 -10.40 19.57
C SER A 139 7.36 -9.66 20.31
N ILE A 140 7.64 -8.40 19.93
CA ILE A 140 8.64 -7.63 20.65
C ILE A 140 8.22 -7.45 22.09
N ASN A 141 6.93 -7.20 22.33
CA ASN A 141 6.48 -7.03 23.72
C ASN A 141 6.68 -8.32 24.51
N GLU A 142 6.34 -9.46 23.90
CA GLU A 142 6.64 -10.73 24.56
C GLU A 142 8.12 -10.84 24.93
N LEU A 143 9.02 -10.55 23.97
CA LEU A 143 10.45 -10.68 24.22
C LEU A 143 10.92 -9.79 25.36
N TRP A 144 10.42 -8.55 25.44
CA TRP A 144 10.71 -7.70 26.59
C TRP A 144 10.33 -8.39 27.91
N ARG A 145 9.14 -9.02 27.95
CA ARG A 145 8.72 -9.69 29.18
C ARG A 145 9.66 -10.84 29.52
N GLN A 146 10.02 -11.65 28.52
CA GLN A 146 11.01 -12.68 28.77
C GLN A 146 12.40 -12.10 29.07
N ILE A 147 12.71 -10.87 28.63
CA ILE A 147 13.96 -10.19 29.02
C ILE A 147 13.98 -9.99 30.53
N LYS A 148 12.93 -9.34 31.03
CA LYS A 148 12.79 -9.09 32.44
C LYS A 148 12.74 -10.39 33.24
N ALA A 149 11.92 -11.35 32.78
CA ALA A 149 11.56 -12.48 33.62
C ALA A 149 12.67 -13.50 33.72
N LEU A 150 13.40 -13.74 32.65
CA LEU A 150 14.43 -14.76 32.66
C LEU A 150 15.86 -14.22 32.66
N ASP A 151 16.07 -12.93 32.42
CA ASP A 151 17.40 -12.48 32.10
C ASP A 151 17.64 -11.05 32.59
N SER A 152 17.38 -10.81 33.88
CA SER A 152 17.64 -9.51 34.48
C SER A 152 19.12 -9.14 34.50
N GLU A 153 20.05 -10.11 34.35
CA GLU A 153 21.45 -9.75 34.21
C GLU A 153 21.75 -9.11 32.89
N ARG A 154 20.87 -9.31 31.90
CA ARG A 154 21.07 -8.89 30.53
C ARG A 154 22.22 -9.66 29.90
N SER A 155 22.34 -10.93 30.25
CA SER A 155 23.27 -11.85 29.59
C SER A 155 23.22 -11.74 28.05
N ILE A 156 22.04 -11.55 27.48
CA ILE A 156 21.84 -11.57 26.03
C ILE A 156 21.78 -10.14 25.51
N SER A 157 22.60 -9.85 24.51
CA SER A 157 22.46 -8.59 23.78
C SER A 157 21.59 -8.83 22.55
N TRP A 158 20.44 -8.15 22.48
CA TRP A 158 19.45 -8.36 21.42
C TRP A 158 19.48 -7.24 20.38
N SER A 159 19.39 -7.61 19.11
CA SER A 159 18.84 -6.70 18.11
C SER A 159 17.63 -7.36 17.47
N VAL A 160 16.93 -6.63 16.60
CA VAL A 160 15.76 -7.15 15.91
C VAL A 160 15.75 -6.65 14.46
N ILE A 161 15.60 -7.59 13.54
CA ILE A 161 15.20 -7.30 12.17
C ILE A 161 13.68 -7.20 12.16
N ASP A 162 13.14 -5.98 12.20
CA ASP A 162 11.71 -5.80 12.40
C ASP A 162 10.92 -5.69 11.11
N ARG A 163 11.56 -5.75 9.95
CA ARG A 163 10.84 -5.70 8.67
C ARG A 163 11.85 -5.80 7.55
N TRP A 164 11.36 -6.12 6.38
CA TRP A 164 12.23 -6.27 5.23
C TRP A 164 11.41 -6.42 3.96
N PRO A 165 10.59 -5.42 3.59
CA PRO A 165 9.58 -5.66 2.54
C PRO A 165 10.17 -5.92 1.16
N THR A 166 11.35 -5.40 0.85
CA THR A 166 11.88 -5.56 -0.50
C THR A 166 13.27 -6.15 -0.49
N ASN A 167 13.56 -7.02 0.47
CA ASN A 167 14.75 -7.84 0.35
C ASN A 167 14.79 -8.43 -1.05
N GLU A 168 15.98 -8.37 -1.67
CA GLU A 168 16.12 -8.78 -3.07
C GLU A 168 15.76 -10.24 -3.28
N GLY A 169 16.31 -11.12 -2.44
CA GLY A 169 16.05 -12.54 -2.61
C GLY A 169 14.57 -12.86 -2.49
N LEU A 170 13.89 -12.18 -1.57
CA LEU A 170 12.46 -12.39 -1.38
C LEU A 170 11.68 -11.97 -2.62
N ILE A 171 11.98 -10.78 -3.15
CA ILE A 171 11.39 -10.35 -4.41
C ILE A 171 11.66 -11.39 -5.51
N LYS A 172 12.94 -11.75 -5.68
CA LYS A 172 13.32 -12.69 -6.74
C LYS A 172 12.59 -14.02 -6.57
N ALA A 173 12.65 -14.59 -5.36
CA ALA A 173 12.06 -15.91 -5.13
C ALA A 173 10.59 -15.91 -5.49
N PHE A 174 9.87 -14.90 -5.02
CA PHE A 174 8.46 -14.73 -5.43
C PHE A 174 8.32 -14.65 -6.95
N SER A 175 9.16 -13.85 -7.62
CA SER A 175 9.04 -13.71 -9.08
C SER A 175 9.28 -15.02 -9.81
N GLU A 176 10.23 -15.85 -9.29
CA GLU A 176 10.53 -17.15 -9.89
C GLU A 176 9.36 -18.11 -9.73
N ASN A 177 8.72 -18.07 -8.55
CA ASN A 177 7.59 -18.95 -8.32
C ASN A 177 6.38 -18.50 -9.13
N ILE A 178 6.12 -17.18 -9.21
CA ILE A 178 4.99 -16.70 -10.02
C ILE A 178 5.19 -17.09 -11.47
N THR A 179 6.35 -16.80 -12.03
CA THR A 179 6.64 -17.22 -13.39
C THR A 179 6.48 -18.73 -13.54
N LYS A 180 6.88 -19.49 -12.52
CA LYS A 180 6.86 -20.94 -12.65
C LYS A 180 5.44 -21.47 -12.60
N LYS A 181 4.66 -21.03 -11.62
CA LYS A 181 3.24 -21.38 -11.61
C LYS A 181 2.54 -20.96 -12.89
N LEU A 182 2.93 -19.83 -13.49
CA LEU A 182 2.28 -19.42 -14.74
C LEU A 182 2.59 -20.36 -15.90
N GLN A 183 3.59 -21.24 -15.79
CA GLN A 183 3.79 -22.19 -16.88
C GLN A 183 2.63 -23.17 -16.98
N GLU A 184 1.98 -23.46 -15.84
CA GLU A 184 0.84 -24.38 -15.79
C GLU A 184 -0.42 -23.80 -16.42
N PHE A 185 -0.46 -22.50 -16.72
CA PHE A 185 -1.56 -22.02 -17.55
C PHE A 185 -1.16 -22.12 -19.02
N PRO A 186 -2.11 -22.51 -19.90
CA PRO A 186 -1.80 -22.71 -21.31
C PRO A 186 -0.69 -21.88 -21.91
N GLN A 187 -0.99 -20.65 -22.35
CA GLN A 187 -0.04 -19.74 -22.99
C GLN A 187 -0.82 -18.61 -23.68
N PRO A 188 -1.80 -18.93 -24.54
CA PRO A 188 -2.65 -17.84 -25.06
C PRO A 188 -3.39 -17.10 -23.96
N VAL A 189 -3.47 -17.68 -22.77
CA VAL A 189 -4.18 -17.11 -21.62
C VAL A 189 -3.22 -16.65 -20.54
N ARG A 190 -1.92 -16.87 -20.72
CA ARG A 190 -0.96 -16.62 -19.64
C ARG A 190 -0.95 -15.16 -19.21
N ASP A 191 -0.69 -14.25 -20.15
CA ASP A 191 -0.66 -12.81 -19.85
C ASP A 191 -1.98 -12.28 -19.33
N LYS A 192 -3.08 -13.03 -19.47
CA LYS A 192 -4.36 -12.63 -18.95
C LYS A 192 -4.62 -13.16 -17.54
N VAL A 193 -3.81 -14.10 -17.05
CA VAL A 193 -3.97 -14.56 -15.69
C VAL A 193 -3.84 -13.37 -14.76
N VAL A 194 -4.78 -13.24 -13.85
CA VAL A 194 -4.77 -12.16 -12.87
C VAL A 194 -3.99 -12.63 -11.63
N LEU A 195 -2.91 -11.94 -11.31
CA LEU A 195 -2.15 -12.28 -10.12
C LEU A 195 -2.81 -11.60 -8.93
N LEU A 196 -3.39 -12.38 -8.06
CA LEU A 196 -3.99 -11.87 -6.84
C LEU A 196 -3.00 -12.13 -5.71
N PHE A 197 -2.24 -11.10 -5.35
CA PHE A 197 -1.40 -11.15 -4.16
C PHE A 197 -2.29 -11.14 -2.93
N SER A 198 -2.34 -12.26 -2.20
CA SER A 198 -3.27 -12.43 -1.09
C SER A 198 -2.54 -12.34 0.24
N ALA A 199 -2.76 -11.26 0.96
CA ALA A 199 -2.16 -11.06 2.27
C ALA A 199 -3.23 -11.22 3.34
N CYS A 200 -2.83 -11.79 4.47
CA CYS A 200 -3.69 -11.79 5.66
C CYS A 200 -4.08 -10.37 6.05
N SER A 201 -5.34 -10.20 6.46
CA SER A 201 -5.99 -8.90 6.57
C SER A 201 -5.91 -8.35 7.99
N LEU A 202 -6.31 -7.09 8.13
CA LEU A 202 -6.27 -6.40 9.40
C LEU A 202 -7.64 -5.87 9.77
N PRO A 203 -8.06 -5.99 11.03
CA PRO A 203 -9.25 -5.27 11.47
C PRO A 203 -9.01 -3.79 11.22
N MET A 204 -10.06 -3.09 10.79
CA MET A 204 -9.89 -1.70 10.37
C MET A 204 -9.45 -0.80 11.51
N ASP A 205 -9.81 -1.10 12.77
CA ASP A 205 -9.33 -0.20 13.82
C ASP A 205 -7.84 -0.39 14.06
N VAL A 206 -7.27 -1.52 13.65
CA VAL A 206 -5.82 -1.64 13.66
C VAL A 206 -5.22 -0.85 12.50
N VAL A 207 -5.78 -1.03 11.29
CA VAL A 207 -5.36 -0.25 10.12
C VAL A 207 -5.36 1.24 10.46
N ASN A 208 -6.45 1.70 11.07
CA ASN A 208 -6.63 3.10 11.38
C ASN A 208 -5.70 3.62 12.46
N THR A 209 -4.90 2.78 13.12
CA THR A 209 -3.90 3.34 14.03
C THR A 209 -2.69 3.87 13.29
N GLY A 210 -2.67 3.78 11.96
CA GLY A 210 -1.44 4.03 11.25
C GLY A 210 -0.51 2.84 11.19
N ASP A 211 -0.99 1.62 11.47
CA ASP A 211 -0.16 0.43 11.38
C ASP A 211 0.62 0.41 10.06
N ALA A 212 1.83 -0.13 10.09
CA ALA A 212 2.69 -0.03 8.92
C ALA A 212 2.40 -1.12 7.89
N TYR A 213 1.61 -2.13 8.25
CA TYR A 213 1.52 -3.38 7.50
C TYR A 213 0.97 -3.21 6.09
N PRO A 214 -0.29 -2.80 5.89
CA PRO A 214 -0.83 -2.73 4.51
C PRO A 214 0.08 -2.02 3.50
N ALA A 215 0.63 -0.85 3.84
CA ALA A 215 1.51 -0.17 2.90
C ALA A 215 2.80 -0.94 2.64
N GLU A 216 3.29 -1.67 3.64
CA GLU A 216 4.55 -2.37 3.40
C GLU A 216 4.34 -3.59 2.52
N VAL A 217 3.20 -4.28 2.67
CA VAL A 217 2.87 -5.39 1.77
C VAL A 217 2.79 -4.88 0.34
N ALA A 218 2.19 -3.70 0.15
CA ALA A 218 2.05 -3.14 -1.18
C ALA A 218 3.41 -2.81 -1.80
N ALA A 219 4.41 -2.50 -0.97
CA ALA A 219 5.74 -2.28 -1.50
C ALA A 219 6.31 -3.56 -2.09
N THR A 220 6.06 -4.69 -1.44
CA THR A 220 6.56 -5.96 -1.97
C THR A 220 5.86 -6.28 -3.28
N VAL A 221 4.55 -6.14 -3.26
CA VAL A 221 3.74 -6.38 -4.45
C VAL A 221 4.28 -5.60 -5.64
N TYR A 222 4.48 -4.29 -5.47
CA TYR A 222 4.89 -3.49 -6.61
C TYR A 222 6.28 -3.90 -7.07
N ASN A 223 7.20 -4.16 -6.13
CA ASN A 223 8.54 -4.57 -6.50
C ASN A 223 8.53 -5.89 -7.27
N ILE A 224 7.70 -6.83 -6.86
CA ILE A 224 7.57 -8.09 -7.62
C ILE A 224 7.06 -7.81 -9.03
N MET A 225 6.02 -6.97 -9.15
CA MET A 225 5.48 -6.63 -10.46
C MET A 225 6.48 -5.88 -11.32
N GLN A 226 7.43 -5.16 -10.70
CA GLN A 226 8.51 -4.56 -11.49
C GLN A 226 9.42 -5.62 -12.07
N LYS A 227 9.81 -6.61 -11.27
CA LYS A 227 10.66 -7.69 -11.77
C LYS A 227 9.97 -8.48 -12.88
N LEU A 228 8.63 -8.58 -12.83
CA LEU A 228 7.88 -9.28 -13.87
C LEU A 228 7.56 -8.39 -15.05
N LYS A 229 7.97 -7.11 -15.02
CA LYS A 229 7.72 -6.16 -16.11
C LYS A 229 6.22 -5.94 -16.36
N PHE A 230 5.39 -6.09 -15.33
CA PHE A 230 3.95 -5.82 -15.42
C PHE A 230 3.33 -6.55 -16.60
N LYS A 231 3.83 -7.76 -16.83
CA LYS A 231 3.30 -8.59 -17.91
C LYS A 231 1.82 -8.92 -17.69
N ASN A 232 1.44 -9.15 -16.44
CA ASN A 232 0.10 -9.57 -16.07
C ASN A 232 -0.66 -8.47 -15.37
N PRO A 233 -1.99 -8.52 -15.37
CA PRO A 233 -2.75 -7.74 -14.39
C PRO A 233 -2.59 -8.36 -13.00
N TYR A 234 -2.63 -7.49 -11.99
CA TYR A 234 -2.49 -7.91 -10.60
C TYR A 234 -3.30 -7.02 -9.67
N ARG A 235 -3.75 -7.60 -8.58
CA ARG A 235 -4.32 -6.84 -7.48
C ARG A 235 -3.89 -7.46 -6.13
N LEU A 236 -3.59 -6.56 -5.18
CA LEU A 236 -3.31 -6.93 -3.79
C LEU A 236 -4.63 -7.07 -3.04
N VAL A 237 -4.88 -8.25 -2.48
CA VAL A 237 -6.13 -8.52 -1.78
C VAL A 237 -5.80 -9.19 -0.45
N TRP A 238 -6.83 -9.32 0.39
CA TRP A 238 -6.67 -9.65 1.79
C TRP A 238 -7.63 -10.76 2.18
N GLN A 239 -7.12 -11.72 2.94
CA GLN A 239 -7.88 -12.91 3.32
C GLN A 239 -7.93 -13.03 4.84
N SER A 240 -8.47 -14.17 5.30
CA SER A 240 -8.52 -14.60 6.69
C SER A 240 -9.40 -13.71 7.56
N GLN A 241 -10.20 -12.83 6.95
CA GLN A 241 -11.17 -12.03 7.68
C GLN A 241 -12.18 -12.93 8.37
N VAL A 242 -12.61 -12.53 9.56
CA VAL A 242 -13.58 -13.30 10.35
C VAL A 242 -14.54 -12.33 11.04
N GLY A 243 -15.83 -12.62 10.94
CA GLY A 243 -16.77 -12.13 11.90
C GLY A 243 -17.32 -10.75 11.63
N PRO A 244 -17.73 -10.07 12.73
CA PRO A 244 -18.58 -8.87 12.61
C PRO A 244 -17.86 -7.57 12.24
N LYS A 245 -16.66 -7.37 12.76
CA LYS A 245 -15.94 -6.11 12.56
C LYS A 245 -15.61 -5.89 11.08
N PRO A 246 -15.63 -4.64 10.61
CA PRO A 246 -15.10 -4.35 9.27
C PRO A 246 -13.59 -4.59 9.23
N TRP A 247 -13.15 -5.33 8.23
CA TRP A 247 -11.73 -5.58 7.99
C TRP A 247 -11.28 -4.87 6.73
N LEU A 248 -9.96 -4.90 6.52
CA LEU A 248 -9.39 -4.41 5.27
C LEU A 248 -9.73 -5.35 4.13
N GLY A 249 -10.10 -4.75 3.01
CA GLY A 249 -10.41 -5.51 1.83
C GLY A 249 -9.70 -4.88 0.65
N ALA A 250 -9.92 -5.40 -0.56
CA ALA A 250 -10.96 -6.38 -0.85
C ALA A 250 -10.66 -7.77 -0.32
N GLN A 251 -11.71 -8.57 -0.13
CA GLN A 251 -11.50 -9.91 0.41
C GLN A 251 -11.18 -10.90 -0.71
N THR A 252 -10.19 -11.77 -0.44
CA THR A 252 -9.71 -12.69 -1.46
C THR A 252 -10.81 -13.60 -1.94
N ALA A 253 -11.61 -14.13 -1.02
CA ALA A 253 -12.68 -15.04 -1.40
C ALA A 253 -13.68 -14.34 -2.31
N GLU A 254 -14.20 -13.19 -1.89
CA GLU A 254 -15.28 -12.60 -2.66
C GLU A 254 -14.77 -11.97 -3.96
N ILE A 255 -13.51 -11.52 -3.99
CA ILE A 255 -12.94 -11.00 -5.23
C ILE A 255 -12.75 -12.11 -6.25
N ALA A 256 -12.41 -13.30 -5.81
CA ALA A 256 -12.16 -14.38 -6.75
C ALA A 256 -13.46 -14.89 -7.35
N GLU A 257 -14.55 -14.84 -6.59
CA GLU A 257 -15.81 -15.33 -7.10
C GLU A 257 -16.42 -14.33 -8.06
N PHE A 258 -16.38 -13.04 -7.71
CA PHE A 258 -16.74 -12.01 -8.66
C PHE A 258 -15.94 -12.13 -9.95
N LEU A 259 -14.62 -12.28 -9.85
CA LEU A 259 -13.79 -12.31 -11.06
C LEU A 259 -13.90 -13.62 -11.82
N GLY A 260 -14.32 -14.70 -11.16
CA GLY A 260 -14.32 -16.02 -11.74
C GLY A 260 -14.79 -16.12 -13.19
N PRO A 261 -16.07 -15.89 -13.45
CA PRO A 261 -16.57 -16.05 -14.82
C PRO A 261 -16.01 -15.03 -15.79
N LYS A 262 -15.36 -13.98 -15.31
CA LYS A 262 -14.77 -12.98 -16.19
C LYS A 262 -13.30 -13.25 -16.52
N VAL A 263 -12.67 -14.27 -15.93
CA VAL A 263 -11.22 -14.36 -16.04
C VAL A 263 -10.81 -15.63 -16.73
N ASP A 264 -9.69 -15.54 -17.44
CA ASP A 264 -9.03 -16.72 -17.96
C ASP A 264 -8.34 -17.49 -16.85
N GLY A 265 -7.73 -16.79 -15.89
CA GLY A 265 -7.12 -17.49 -14.76
C GLY A 265 -6.88 -16.55 -13.59
N LEU A 266 -6.88 -17.13 -12.39
CA LEU A 266 -6.48 -16.45 -11.17
C LEU A 266 -5.31 -17.20 -10.57
N MET A 267 -4.29 -16.45 -10.14
CA MET A 267 -3.21 -17.00 -9.32
C MET A 267 -3.23 -16.32 -7.97
N PHE A 268 -3.19 -17.12 -6.92
CA PHE A 268 -3.13 -16.61 -5.54
C PHE A 268 -1.70 -16.73 -5.06
N ILE A 269 -1.13 -15.63 -4.62
CA ILE A 269 0.26 -15.54 -4.23
C ILE A 269 0.33 -15.25 -2.74
N PRO A 270 0.88 -16.16 -1.92
CA PRO A 270 0.89 -15.94 -0.46
C PRO A 270 1.91 -14.89 -0.06
N ILE A 271 1.58 -13.60 -0.25
CA ILE A 271 2.58 -12.53 -0.26
C ILE A 271 3.10 -12.14 1.11
N ALA A 272 2.44 -12.52 2.20
CA ALA A 272 2.77 -11.93 3.49
C ALA A 272 3.30 -12.96 4.50
N PHE A 273 3.57 -14.19 4.07
CA PHE A 273 4.23 -15.21 4.89
C PHE A 273 5.16 -16.02 3.99
N THR A 274 6.08 -16.76 4.60
CA THR A 274 7.20 -17.29 3.85
C THR A 274 7.20 -18.80 3.75
N SER A 275 6.24 -19.46 4.39
CA SER A 275 6.10 -20.90 4.23
C SER A 275 4.62 -21.25 4.19
N ASP A 276 4.35 -22.50 3.84
CA ASP A 276 2.98 -22.99 3.90
C ASP A 276 2.48 -22.96 5.33
N HIS A 277 1.19 -22.73 5.46
CA HIS A 277 0.52 -22.72 6.75
C HIS A 277 -0.96 -22.95 6.49
N ILE A 278 -1.78 -22.75 7.53
CA ILE A 278 -3.22 -22.92 7.36
C ILE A 278 -3.74 -22.03 6.23
N GLU A 279 -3.25 -20.78 6.15
CA GLU A 279 -3.78 -19.85 5.17
C GLU A 279 -3.68 -20.39 3.75
N THR A 280 -2.60 -21.09 3.46
CA THR A 280 -2.43 -21.50 2.08
C THR A 280 -2.97 -22.89 1.82
N LEU A 281 -2.72 -23.83 2.72
CA LEU A 281 -3.09 -25.23 2.53
C LEU A 281 -4.57 -25.49 2.79
N HIS A 282 -5.20 -24.70 3.64
CA HIS A 282 -6.62 -24.86 3.91
C HIS A 282 -7.41 -23.74 3.26
N GLU A 283 -7.28 -22.50 3.74
CA GLU A 283 -8.19 -21.43 3.28
C GLU A 283 -8.10 -21.25 1.77
N ILE A 284 -6.91 -21.28 1.20
CA ILE A 284 -6.79 -21.06 -0.23
C ILE A 284 -6.95 -22.37 -1.00
N ASP A 285 -6.09 -23.34 -0.72
CA ASP A 285 -6.09 -24.57 -1.50
C ASP A 285 -7.46 -25.23 -1.49
N LEU A 286 -8.05 -25.38 -0.30
CA LEU A 286 -9.30 -26.12 -0.17
C LEU A 286 -10.54 -25.23 -0.29
N GLY A 287 -10.50 -24.04 0.28
CA GLY A 287 -11.65 -23.16 0.29
C GLY A 287 -11.83 -22.39 -1.01
N VAL A 288 -11.02 -21.35 -1.22
CA VAL A 288 -11.24 -20.48 -2.36
C VAL A 288 -11.03 -21.25 -3.66
N ILE A 289 -10.19 -22.26 -3.66
CA ILE A 289 -9.90 -22.95 -4.90
C ILE A 289 -10.65 -24.27 -4.94
N GLY A 290 -10.45 -25.11 -3.92
CA GLY A 290 -11.10 -26.41 -3.91
C GLY A 290 -12.61 -26.34 -4.10
N GLU A 291 -13.25 -25.35 -3.49
CA GLU A 291 -14.70 -25.24 -3.53
C GLU A 291 -15.22 -24.29 -4.61
N SER A 292 -14.41 -23.88 -5.57
CA SER A 292 -14.90 -22.96 -6.58
C SER A 292 -15.32 -23.72 -7.83
N GLU A 293 -16.28 -23.15 -8.54
CA GLU A 293 -16.69 -23.70 -9.83
C GLU A 293 -15.70 -23.38 -10.92
N TYR A 294 -14.94 -22.29 -10.79
CA TYR A 294 -13.88 -21.96 -11.72
C TYR A 294 -12.56 -22.59 -11.33
N LYS A 295 -12.59 -23.60 -10.46
CA LYS A 295 -11.40 -24.11 -9.79
C LYS A 295 -10.34 -24.65 -10.76
N ASP A 296 -10.67 -24.87 -12.02
CA ASP A 296 -9.68 -25.38 -12.94
C ASP A 296 -8.94 -24.27 -13.68
N LYS A 297 -9.42 -23.03 -13.62
CA LYS A 297 -8.58 -21.89 -13.94
C LYS A 297 -8.07 -21.15 -12.70
N PHE A 298 -8.12 -21.79 -11.53
CA PHE A 298 -7.62 -21.21 -10.30
C PHE A 298 -6.36 -21.98 -9.88
N LYS A 299 -5.28 -21.25 -9.59
CA LYS A 299 -4.05 -21.89 -9.14
C LYS A 299 -3.40 -21.07 -8.03
N ARG A 300 -2.67 -21.74 -7.12
CA ARG A 300 -1.90 -21.03 -6.09
C ARG A 300 -0.41 -21.16 -6.36
N CYS A 301 0.29 -20.03 -6.26
CA CYS A 301 1.74 -19.99 -6.30
C CYS A 301 2.33 -20.73 -5.11
N GLU A 302 3.36 -21.53 -5.38
CA GLU A 302 4.06 -22.23 -4.31
C GLU A 302 4.63 -21.26 -3.29
N SER A 303 4.46 -21.60 -2.02
CA SER A 303 5.10 -20.88 -0.93
C SER A 303 6.62 -20.92 -1.06
N LEU A 304 7.26 -19.97 -0.39
CA LEU A 304 8.71 -19.85 -0.52
C LEU A 304 9.41 -21.04 0.10
N ASN A 305 9.00 -21.40 1.31
CA ASN A 305 9.45 -22.60 1.99
C ASN A 305 10.97 -22.71 2.03
N GLY A 306 11.49 -23.59 1.19
CA GLY A 306 12.90 -23.86 1.16
C GLY A 306 13.62 -23.24 0.00
N ASN A 307 12.94 -22.40 -0.78
CA ASN A 307 13.56 -21.72 -1.90
C ASN A 307 14.93 -21.17 -1.50
N GLN A 308 15.95 -21.50 -2.31
CA GLN A 308 17.33 -21.11 -2.02
C GLN A 308 17.55 -19.61 -2.20
N THR A 309 17.05 -19.05 -3.31
CA THR A 309 17.12 -17.61 -3.52
C THR A 309 16.49 -16.87 -2.34
N PHE A 310 15.39 -17.40 -1.82
CA PHE A 310 14.81 -16.77 -0.64
C PHE A 310 15.72 -16.97 0.57
N ILE A 311 16.29 -18.17 0.71
CA ILE A 311 17.15 -18.43 1.86
C ILE A 311 18.46 -17.64 1.75
N GLU A 312 19.03 -17.57 0.55
CA GLU A 312 20.22 -16.73 0.37
C GLU A 312 19.90 -15.26 0.63
N GLY A 313 18.70 -14.82 0.27
CA GLY A 313 18.30 -13.45 0.53
C GLY A 313 18.12 -13.19 2.01
N MET A 314 17.60 -14.17 2.75
CA MET A 314 17.53 -14.02 4.19
C MET A 314 18.93 -13.95 4.80
N ALA A 315 19.85 -14.78 4.30
CA ALA A 315 21.22 -14.77 4.81
C ALA A 315 21.85 -13.38 4.65
N ASP A 316 21.69 -12.77 3.48
CA ASP A 316 22.21 -11.43 3.27
C ASP A 316 21.52 -10.41 4.18
N LEU A 317 20.21 -10.55 4.35
CA LEU A 317 19.49 -9.67 5.26
C LEU A 317 20.08 -9.71 6.66
N VAL A 318 20.42 -10.89 7.16
CA VAL A 318 20.99 -10.94 8.50
C VAL A 318 22.41 -10.41 8.48
N LYS A 319 23.23 -10.88 7.53
CA LYS A 319 24.59 -10.40 7.37
C LYS A 319 24.63 -8.87 7.32
N SER A 320 23.74 -8.27 6.54
CA SER A 320 23.74 -6.82 6.47
C SER A 320 23.31 -6.21 7.79
N HIS A 321 22.34 -6.84 8.47
CA HIS A 321 21.93 -6.36 9.80
C HIS A 321 23.07 -6.41 10.82
N LEU A 322 23.82 -7.51 10.85
CA LEU A 322 24.90 -7.64 11.83
C LEU A 322 25.97 -6.59 11.57
N GLN A 323 26.40 -6.49 10.32
CA GLN A 323 27.40 -5.51 9.90
C GLN A 323 26.74 -4.15 9.66
N SER A 324 26.22 -3.55 10.73
CA SER A 324 25.50 -2.29 10.62
C SER A 324 25.26 -1.67 11.99
N ASN A 325 25.24 -2.50 13.02
CA ASN A 325 24.93 -2.07 14.38
C ASN A 325 23.75 -1.09 14.39
N GLN A 326 22.67 -1.49 13.73
CA GLN A 326 21.38 -0.88 13.96
C GLN A 326 20.66 -1.84 14.90
N LEU A 327 20.22 -1.31 16.04
CA LEU A 327 19.48 -2.19 16.95
C LEU A 327 18.11 -2.52 16.35
N TYR A 328 17.56 -1.61 15.56
CA TYR A 328 16.25 -1.77 14.95
C TYR A 328 16.10 -0.64 13.94
N SER A 329 15.10 -0.75 13.06
CA SER A 329 14.94 0.26 12.00
C SER A 329 14.47 1.59 12.61
N ASN A 330 14.55 2.63 11.78
CA ASN A 330 14.02 3.95 12.12
C ASN A 330 12.51 3.97 12.17
N GLN A 331 11.84 2.88 11.79
CA GLN A 331 10.39 2.86 11.90
C GLN A 331 9.93 2.40 13.26
N LEU A 332 10.75 1.63 13.97
CA LEU A 332 10.26 0.95 15.18
C LEU A 332 9.77 1.92 16.24
N PRO A 333 10.48 3.01 16.59
CA PRO A 333 9.90 3.94 17.57
C PRO A 333 8.54 4.46 17.17
N LEU A 334 8.32 4.69 15.86
CA LEU A 334 7.01 5.14 15.40
C LEU A 334 5.98 4.04 15.55
N ASP A 335 6.32 2.84 15.09
CA ASP A 335 5.45 1.68 15.32
C ASP A 335 4.90 1.67 16.73
N PHE A 336 5.79 1.85 17.71
CA PHE A 336 5.41 1.69 19.10
C PHE A 336 4.66 2.91 19.62
N ALA A 337 4.95 4.09 19.08
CA ALA A 337 4.16 5.27 19.41
C ALA A 337 2.71 5.12 18.99
N LEU A 338 2.46 4.49 17.83
CA LEU A 338 1.07 4.37 17.35
C LEU A 338 0.42 3.06 17.76
N GLY A 339 1.19 2.01 18.05
CA GLY A 339 0.59 0.76 18.45
C GLY A 339 -0.21 0.86 19.75
N LYS A 340 -1.19 -0.06 19.89
CA LYS A 340 -2.09 -0.13 21.04
C LYS A 340 -1.82 -1.41 21.82
N SER A 341 -1.48 -1.26 23.09
CA SER A 341 -1.05 -2.36 23.93
C SER A 341 -1.29 -1.96 25.38
N ASN A 342 -1.65 -2.93 26.20
CA ASN A 342 -1.76 -2.63 27.63
C ASN A 342 -0.45 -2.84 28.38
N ASP A 343 0.56 -3.40 27.72
CA ASP A 343 1.86 -3.66 28.33
C ASP A 343 2.95 -3.46 27.27
N PRO A 344 3.06 -2.26 26.71
CA PRO A 344 4.00 -2.03 25.60
C PRO A 344 5.45 -2.01 26.08
N VAL A 345 6.37 -2.14 25.10
CA VAL A 345 7.81 -2.05 25.39
C VAL A 345 8.14 -0.74 26.11
N LYS A 346 7.71 0.39 25.57
CA LYS A 346 8.14 1.70 26.08
C LYS A 346 9.64 1.77 26.40
N ASP A 347 10.42 2.31 25.45
CA ASP A 347 11.87 2.46 25.44
C ASP A 347 12.57 1.27 24.80
N LEU A 348 12.63 1.27 23.48
CA LEU A 348 13.26 0.21 22.72
C LEU A 348 14.78 0.18 22.89
N SER A 349 15.39 1.28 23.36
CA SER A 349 16.85 1.24 23.56
C SER A 349 17.25 0.50 24.85
N LEU A 350 16.33 0.35 25.81
CA LEU A 350 16.53 -0.59 26.92
C LEU A 350 16.30 -2.04 26.50
N VAL A 351 15.35 -2.27 25.57
CA VAL A 351 15.06 -3.64 25.15
C VAL A 351 16.26 -4.22 24.43
N PHE A 352 16.69 -3.57 23.35
CA PHE A 352 17.80 -4.08 22.54
C PHE A 352 19.10 -3.34 22.87
N GLY A 353 20.22 -3.97 22.54
CA GLY A 353 21.54 -3.48 22.88
C GLY A 353 22.07 -4.13 24.16
N ASN A 354 23.33 -3.81 24.45
CA ASN A 354 23.96 -4.27 25.71
C ASN A 354 23.42 -3.49 26.88
N HIS A 355 22.99 -4.21 27.90
CA HIS A 355 22.70 -3.56 29.17
C HIS A 355 23.24 -4.41 30.31
N GLU A 356 24.10 -5.38 29.99
CA GLU A 356 24.76 -6.23 30.98
C GLU A 356 25.27 -5.40 32.15
N SER B 2 -1.30 17.32 -38.82
CA SER B 2 -1.69 16.36 -37.78
C SER B 2 -1.04 16.70 -36.45
N PRO B 3 -1.69 17.56 -35.67
CA PRO B 3 -1.18 17.90 -34.34
C PRO B 3 -1.70 16.94 -33.27
N THR B 4 -0.96 16.87 -32.16
CA THR B 4 -1.18 15.87 -31.12
C THR B 4 -1.67 16.52 -29.84
N GLY B 5 -2.84 16.12 -29.38
CA GLY B 5 -3.40 16.68 -28.16
C GLY B 5 -2.88 16.02 -26.90
N ILE B 6 -2.21 16.78 -26.05
CA ILE B 6 -1.72 16.32 -24.75
C ILE B 6 -2.66 16.88 -23.70
N VAL B 7 -3.55 16.05 -23.19
CA VAL B 7 -4.69 16.49 -22.37
C VAL B 7 -4.47 16.05 -20.92
N LEU B 8 -3.97 16.96 -20.09
CA LEU B 8 -3.89 16.72 -18.65
C LEU B 8 -5.29 16.65 -18.05
N MET B 9 -5.60 15.56 -17.36
CA MET B 9 -6.91 15.37 -16.74
C MET B 9 -6.78 15.15 -15.23
N ASN B 10 -7.79 15.63 -14.53
CA ASN B 10 -8.05 15.34 -13.12
C ASN B 10 -9.43 15.90 -12.82
N MET B 11 -9.82 15.86 -11.55
CA MET B 11 -11.16 16.28 -11.16
C MET B 11 -11.29 17.80 -11.04
N GLY B 12 -10.16 18.53 -11.02
CA GLY B 12 -10.15 19.98 -11.12
C GLY B 12 -10.55 20.72 -9.85
N GLY B 13 -10.41 22.05 -9.93
CA GLY B 13 -10.91 22.96 -8.92
C GLY B 13 -11.25 24.29 -9.55
N PRO B 14 -12.13 25.08 -8.91
CA PRO B 14 -12.56 26.36 -9.50
C PRO B 14 -11.45 27.39 -9.44
N SER B 15 -11.02 27.89 -10.60
CA SER B 15 -9.94 28.86 -10.64
C SER B 15 -10.30 30.13 -9.90
N LYS B 16 -11.59 30.44 -9.81
CA LYS B 16 -12.09 31.61 -9.12
C LYS B 16 -13.25 31.23 -8.21
N VAL B 17 -13.42 31.99 -7.13
CA VAL B 17 -14.49 31.73 -6.17
C VAL B 17 -15.86 31.68 -6.85
N GLU B 18 -16.03 32.46 -7.92
CA GLU B 18 -17.33 32.53 -8.58
C GLU B 18 -17.76 31.17 -9.13
N GLU B 19 -16.79 30.36 -9.59
CA GLU B 19 -17.07 29.10 -10.26
C GLU B 19 -17.39 27.96 -9.28
N THR B 20 -17.73 28.27 -8.03
CA THR B 20 -17.89 27.24 -7.01
C THR B 20 -19.23 26.54 -7.11
N TYR B 21 -20.31 27.27 -7.42
CA TYR B 21 -21.60 26.61 -7.52
C TYR B 21 -21.59 25.58 -8.62
N ASP B 22 -21.20 25.98 -9.84
CA ASP B 22 -21.31 25.06 -10.97
C ASP B 22 -20.36 23.88 -10.80
N PHE B 23 -19.16 24.13 -10.29
CA PHE B 23 -18.26 23.04 -9.92
C PHE B 23 -18.96 22.01 -9.03
N LEU B 24 -19.55 22.48 -7.94
CA LEU B 24 -20.22 21.58 -7.00
C LEU B 24 -21.39 20.86 -7.64
N TYR B 25 -22.18 21.58 -8.43
CA TYR B 25 -23.31 20.96 -9.10
C TYR B 25 -22.87 19.75 -9.91
N GLN B 26 -21.84 19.94 -10.75
CA GLN B 26 -21.28 18.83 -11.52
C GLN B 26 -20.98 17.65 -10.61
N LEU B 27 -20.22 17.89 -9.54
CA LEU B 27 -19.84 16.80 -8.65
C LEU B 27 -21.06 16.07 -8.10
N PHE B 28 -22.03 16.81 -7.59
CA PHE B 28 -23.20 16.14 -7.04
C PHE B 28 -24.14 15.62 -8.11
N ALA B 29 -23.98 16.06 -9.36
CA ALA B 29 -24.75 15.49 -10.46
C ALA B 29 -24.17 14.18 -10.96
N ASP B 30 -23.01 13.78 -10.46
CA ASP B 30 -22.33 12.60 -10.93
C ASP B 30 -23.23 11.37 -10.87
N ASN B 31 -23.29 10.64 -11.98
CA ASN B 31 -23.80 9.28 -11.96
C ASN B 31 -23.04 8.45 -10.93
N ASP B 32 -22.04 7.71 -11.41
CA ASP B 32 -21.17 6.82 -10.66
C ASP B 32 -21.10 7.09 -9.15
N LEU B 33 -20.31 8.08 -8.74
CA LEU B 33 -19.90 8.17 -7.33
C LEU B 33 -21.05 8.52 -6.40
N ILE B 34 -21.66 9.69 -6.59
CA ILE B 34 -22.76 10.11 -5.69
C ILE B 34 -23.90 9.11 -5.77
N PRO B 35 -24.46 8.66 -4.64
CA PRO B 35 -25.62 7.76 -4.68
C PRO B 35 -26.76 8.28 -5.53
N ILE B 36 -27.05 7.56 -6.62
CA ILE B 36 -28.11 7.92 -7.55
C ILE B 36 -29.47 7.66 -6.91
N SER B 37 -30.35 8.66 -6.97
CA SER B 37 -31.76 8.41 -6.71
C SER B 37 -32.33 7.48 -7.78
N ALA B 38 -32.24 7.91 -9.04
CA ALA B 38 -32.65 7.13 -10.19
C ALA B 38 -32.23 7.88 -11.45
N LYS B 39 -33.07 8.83 -11.87
CA LYS B 39 -32.70 9.81 -12.87
C LYS B 39 -32.41 11.16 -12.25
N TYR B 40 -32.51 11.28 -10.93
CA TYR B 40 -32.75 12.55 -10.27
C TYR B 40 -31.51 13.15 -9.62
N GLN B 41 -30.32 12.90 -10.17
CA GLN B 41 -29.15 13.65 -9.71
C GLN B 41 -29.29 15.12 -10.06
N LYS B 42 -29.47 15.40 -11.35
CA LYS B 42 -29.82 16.70 -11.93
C LYS B 42 -30.53 17.62 -10.95
N THR B 43 -31.79 17.29 -10.64
CA THR B 43 -32.60 17.98 -9.63
C THR B 43 -31.88 18.13 -8.29
N ILE B 44 -31.70 17.02 -7.58
CA ILE B 44 -31.23 17.07 -6.20
C ILE B 44 -29.82 17.64 -6.11
N ALA B 45 -29.01 17.51 -7.17
CA ALA B 45 -27.65 18.04 -7.13
C ALA B 45 -27.66 19.56 -6.97
N LYS B 46 -28.59 20.23 -7.64
CA LYS B 46 -28.75 21.67 -7.45
C LYS B 46 -29.09 21.99 -6.00
N TYR B 47 -29.96 21.17 -5.40
CA TYR B 47 -30.46 21.41 -4.05
C TYR B 47 -29.39 21.23 -2.98
N ILE B 48 -28.26 20.61 -3.30
CA ILE B 48 -27.15 20.52 -2.37
C ILE B 48 -26.01 21.48 -2.73
N ALA B 49 -25.82 21.81 -4.01
CA ALA B 49 -24.75 22.71 -4.39
C ALA B 49 -24.92 24.07 -3.71
N LYS B 50 -26.12 24.64 -3.80
CA LYS B 50 -26.36 25.91 -3.12
C LYS B 50 -26.18 25.78 -1.61
N PHE B 51 -26.62 24.64 -1.04
CA PHE B 51 -26.47 24.39 0.39
C PHE B 51 -25.00 24.44 0.82
N ARG B 52 -24.10 23.92 0.00
CA ARG B 52 -22.69 23.80 0.36
C ARG B 52 -21.80 24.87 -0.27
N THR B 53 -22.33 25.67 -1.19
CA THR B 53 -21.53 26.71 -1.84
C THR B 53 -20.99 27.77 -0.89
N PRO B 54 -21.72 28.24 0.13
CA PRO B 54 -21.11 29.21 1.06
C PRO B 54 -19.82 28.71 1.69
N LYS B 55 -19.86 27.52 2.32
CA LYS B 55 -18.73 27.03 3.13
C LYS B 55 -17.47 26.84 2.28
N ILE B 56 -17.62 26.17 1.14
CA ILE B 56 -16.46 25.95 0.28
C ILE B 56 -15.96 27.26 -0.32
N GLU B 57 -16.87 28.23 -0.53
CA GLU B 57 -16.44 29.55 -0.99
C GLU B 57 -15.57 30.26 0.03
N LYS B 58 -15.96 30.21 1.32
CA LYS B 58 -15.10 30.76 2.38
C LYS B 58 -13.70 30.21 2.21
N GLN B 59 -13.62 28.89 2.02
CA GLN B 59 -12.34 28.20 1.97
C GLN B 59 -11.45 28.74 0.86
N TYR B 60 -11.98 28.76 -0.37
CA TYR B 60 -11.17 29.25 -1.48
C TYR B 60 -10.76 30.70 -1.27
N ARG B 61 -11.62 31.51 -0.64
CA ARG B 61 -11.21 32.85 -0.28
C ARG B 61 -10.10 32.83 0.77
N GLU B 62 -10.15 31.87 1.71
CA GLU B 62 -9.11 31.76 2.72
C GLU B 62 -7.76 31.36 2.16
N ILE B 63 -7.65 31.07 0.86
CA ILE B 63 -6.37 30.72 0.25
C ILE B 63 -6.02 31.64 -0.92
N GLY B 64 -6.81 32.69 -1.14
CA GLY B 64 -6.50 33.64 -2.20
C GLY B 64 -7.55 33.66 -3.29
N GLY B 65 -8.73 33.14 -3.00
CA GLY B 65 -9.82 33.23 -3.94
C GLY B 65 -9.68 32.42 -5.21
N GLY B 66 -8.89 31.35 -5.18
CA GLY B 66 -8.77 30.50 -6.34
C GLY B 66 -8.15 29.15 -6.08
N SER B 67 -8.63 28.13 -6.79
CA SER B 67 -7.91 26.86 -6.81
C SER B 67 -6.76 26.94 -7.79
N PRO B 68 -5.53 26.63 -7.36
CA PRO B 68 -4.39 26.68 -8.29
C PRO B 68 -4.37 25.54 -9.32
N ILE B 69 -5.38 24.69 -9.40
CA ILE B 69 -5.27 23.49 -10.24
C ILE B 69 -5.15 23.89 -11.71
N ARG B 70 -5.99 24.84 -12.16
CA ARG B 70 -6.07 25.15 -13.58
C ARG B 70 -4.77 25.75 -14.10
N LYS B 71 -4.24 26.76 -13.42
CA LYS B 71 -3.01 27.37 -13.89
C LYS B 71 -1.89 26.36 -13.92
N TRP B 72 -1.78 25.55 -12.86
CA TRP B 72 -0.70 24.60 -12.76
C TRP B 72 -0.87 23.46 -13.76
N SER B 73 -2.11 23.03 -14.02
CA SER B 73 -2.36 22.04 -15.07
C SER B 73 -1.87 22.58 -16.41
N GLU B 74 -2.43 23.71 -16.84
CA GLU B 74 -2.02 24.32 -18.10
C GLU B 74 -0.51 24.52 -18.15
N TYR B 75 0.09 25.05 -17.09
CA TYR B 75 1.51 25.36 -17.16
C TYR B 75 2.33 24.10 -17.38
N GLN B 76 2.01 23.05 -16.62
CA GLN B 76 2.65 21.75 -16.81
C GLN B 76 2.43 21.25 -18.24
N ALA B 77 1.17 21.22 -18.68
CA ALA B 77 0.85 20.73 -20.02
C ALA B 77 1.65 21.47 -21.09
N THR B 78 2.02 22.73 -20.82
CA THR B 78 2.73 23.52 -21.81
C THR B 78 4.21 23.14 -21.87
N GLU B 79 4.90 23.16 -20.73
CA GLU B 79 6.31 22.78 -20.75
C GLU B 79 6.49 21.33 -21.17
N VAL B 80 5.50 20.48 -20.91
CA VAL B 80 5.57 19.11 -21.37
C VAL B 80 5.68 19.08 -22.89
N CYS B 81 4.73 19.73 -23.56
CA CYS B 81 4.70 19.77 -25.01
C CYS B 81 5.92 20.50 -25.59
N LYS B 82 6.41 21.53 -24.89
CA LYS B 82 7.60 22.26 -25.33
C LYS B 82 8.84 21.38 -25.31
N ILE B 83 8.86 20.35 -24.46
CA ILE B 83 9.92 19.35 -24.50
C ILE B 83 9.55 18.22 -25.45
N LEU B 84 8.26 17.84 -25.42
CA LEU B 84 7.71 16.85 -26.35
C LEU B 84 8.00 17.23 -27.80
N ASP B 85 7.64 18.47 -28.19
CA ASP B 85 7.87 18.90 -29.56
C ASP B 85 9.35 18.92 -29.92
N LYS B 86 10.23 19.01 -28.93
CA LYS B 86 11.66 18.87 -29.14
C LYS B 86 12.13 17.43 -29.03
N THR B 87 11.39 16.57 -28.31
CA THR B 87 11.86 15.21 -28.03
C THR B 87 11.24 14.15 -28.92
N CYS B 88 10.00 14.32 -29.36
CA CYS B 88 9.37 13.38 -30.28
C CYS B 88 8.94 14.16 -31.52
N PRO B 89 9.84 14.34 -32.48
CA PRO B 89 9.44 15.05 -33.72
C PRO B 89 8.34 14.35 -34.48
N GLU B 90 8.40 13.01 -34.58
CA GLU B 90 7.37 12.25 -35.29
C GLU B 90 5.97 12.62 -34.84
N THR B 91 5.82 13.13 -33.62
CA THR B 91 4.54 13.42 -33.03
C THR B 91 4.17 14.89 -33.11
N ALA B 92 5.16 15.77 -33.26
CA ALA B 92 4.91 17.20 -33.25
C ALA B 92 4.00 17.59 -34.42
N PRO B 93 3.19 18.65 -34.26
CA PRO B 93 3.14 19.52 -33.07
C PRO B 93 2.34 18.91 -31.91
N HIS B 94 2.83 19.12 -30.67
CA HIS B 94 2.09 18.73 -29.47
C HIS B 94 1.36 19.96 -28.94
N LYS B 95 0.03 19.88 -28.88
CA LYS B 95 -0.81 20.98 -28.42
C LYS B 95 -1.32 20.68 -27.02
N PRO B 96 -0.89 21.43 -26.00
CA PRO B 96 -1.33 21.13 -24.63
C PRO B 96 -2.79 21.44 -24.43
N TYR B 97 -3.46 20.59 -23.66
CA TYR B 97 -4.83 20.85 -23.23
C TYR B 97 -5.00 20.40 -21.79
N VAL B 98 -6.04 20.95 -21.16
CA VAL B 98 -6.47 20.53 -19.84
C VAL B 98 -7.96 20.25 -19.92
N ALA B 99 -8.40 19.22 -19.21
CA ALA B 99 -9.83 18.89 -19.16
C ALA B 99 -10.12 18.30 -17.79
N PHE B 100 -11.00 18.96 -17.06
CA PHE B 100 -11.31 18.56 -15.69
C PHE B 100 -12.69 17.93 -15.64
N ARG B 101 -12.86 17.02 -14.71
CA ARG B 101 -14.06 16.21 -14.61
C ARG B 101 -15.24 16.99 -14.05
N TYR B 102 -14.95 18.12 -13.36
CA TYR B 102 -15.89 18.85 -12.51
C TYR B 102 -15.66 20.36 -12.52
N ALA B 103 -14.46 20.84 -12.79
CA ALA B 103 -14.22 22.27 -12.93
C ALA B 103 -14.16 22.60 -14.41
N LYS B 104 -13.79 23.85 -14.71
CA LYS B 104 -13.65 24.45 -16.03
C LYS B 104 -12.19 24.49 -16.44
N PRO B 105 -11.86 24.11 -17.69
CA PRO B 105 -12.82 23.68 -18.71
C PRO B 105 -13.24 22.22 -18.53
N LEU B 106 -14.54 21.94 -18.64
CA LEU B 106 -15.02 20.57 -18.52
C LEU B 106 -14.62 19.74 -19.75
N THR B 107 -14.92 18.43 -19.69
CA THR B 107 -14.49 17.52 -20.76
C THR B 107 -15.11 17.90 -22.09
N ALA B 108 -16.41 18.19 -22.11
CA ALA B 108 -17.06 18.62 -23.35
C ALA B 108 -16.43 19.92 -23.86
N GLU B 109 -16.23 20.89 -22.98
CA GLU B 109 -15.69 22.19 -23.36
C GLU B 109 -14.31 22.08 -24.00
N THR B 110 -13.51 21.09 -23.63
CA THR B 110 -12.19 20.95 -24.24
C THR B 110 -12.18 19.98 -25.41
N TYR B 111 -13.16 19.08 -25.48
CA TYR B 111 -13.28 18.24 -26.66
C TYR B 111 -13.58 19.09 -27.89
N LYS B 112 -14.59 19.96 -27.81
CA LYS B 112 -14.94 20.73 -29.00
C LYS B 112 -13.81 21.68 -29.40
N GLN B 113 -13.08 22.22 -28.43
CA GLN B 113 -11.91 23.04 -28.77
C GLN B 113 -10.92 22.24 -29.60
N MET B 114 -10.63 21.01 -29.16
CA MET B 114 -9.73 20.13 -29.88
C MET B 114 -10.25 19.82 -31.28
N LEU B 115 -11.57 19.64 -31.41
CA LEU B 115 -12.15 19.34 -32.72
C LEU B 115 -12.04 20.52 -33.69
N LYS B 116 -12.30 21.76 -33.21
CA LYS B 116 -12.04 22.92 -34.08
C LYS B 116 -10.55 23.15 -34.30
N ASP B 117 -9.68 22.61 -33.44
CA ASP B 117 -8.26 22.90 -33.49
C ASP B 117 -7.50 22.00 -34.45
N GLY B 118 -8.09 20.87 -34.84
CA GLY B 118 -7.46 19.96 -35.78
C GLY B 118 -6.66 18.80 -35.23
N VAL B 119 -6.80 18.45 -33.94
CA VAL B 119 -6.05 17.32 -33.40
C VAL B 119 -6.56 16.01 -33.99
N GLU B 120 -5.63 15.11 -34.32
CA GLU B 120 -5.96 13.80 -34.87
C GLU B 120 -5.80 12.68 -33.84
N LYS B 121 -4.74 12.70 -33.04
CA LYS B 121 -4.58 11.78 -31.94
C LYS B 121 -4.30 12.56 -30.67
N ALA B 122 -4.91 12.12 -29.58
CA ALA B 122 -4.85 12.81 -28.30
C ALA B 122 -4.55 11.83 -27.18
N VAL B 123 -3.73 12.27 -26.22
CA VAL B 123 -3.32 11.48 -25.07
C VAL B 123 -4.04 12.01 -23.84
N ALA B 124 -4.97 11.20 -23.31
CA ALA B 124 -5.59 11.42 -22.01
C ALA B 124 -4.58 11.14 -20.89
N PHE B 125 -3.85 12.18 -20.49
CA PHE B 125 -2.78 12.07 -19.50
C PHE B 125 -3.40 12.39 -18.15
N SER B 126 -3.93 11.36 -17.49
CA SER B 126 -4.44 11.51 -16.13
C SER B 126 -3.37 12.01 -15.18
N GLN B 127 -3.60 13.16 -14.58
CA GLN B 127 -2.59 13.78 -13.72
C GLN B 127 -2.43 13.09 -12.37
N TYR B 128 -3.27 12.09 -12.07
CA TYR B 128 -3.10 11.21 -10.92
C TYR B 128 -2.05 10.14 -11.21
N PRO B 129 -0.87 10.19 -10.59
CA PRO B 129 0.04 9.03 -10.67
C PRO B 129 -0.54 7.72 -10.14
N HIS B 130 -1.65 7.75 -9.40
CA HIS B 130 -2.20 6.54 -8.80
C HIS B 130 -3.64 6.35 -9.28
N PHE B 131 -3.85 5.35 -10.10
CA PHE B 131 -5.19 5.10 -10.58
C PHE B 131 -6.13 4.78 -9.42
N SER B 132 -7.27 5.45 -9.42
CA SER B 132 -8.47 4.97 -8.73
C SER B 132 -9.59 5.01 -9.73
N TYR B 133 -10.54 4.10 -9.58
CA TYR B 133 -11.71 4.16 -10.43
C TYR B 133 -12.49 5.46 -10.20
N SER B 134 -12.42 6.00 -8.97
CA SER B 134 -13.17 7.20 -8.63
C SER B 134 -12.61 8.44 -9.28
N THR B 135 -11.36 8.39 -9.70
CA THR B 135 -10.67 9.52 -10.29
C THR B 135 -10.45 9.24 -11.76
N THR B 136 -9.42 8.45 -12.07
CA THR B 136 -9.08 8.16 -13.46
C THR B 136 -10.08 7.19 -14.10
N GLY B 137 -11.00 6.62 -13.34
CA GLY B 137 -12.06 5.86 -13.97
C GLY B 137 -13.11 6.80 -14.51
N SER B 138 -13.61 7.68 -13.64
CA SER B 138 -14.65 8.64 -14.04
C SER B 138 -14.19 9.50 -15.20
N SER B 139 -12.96 10.00 -15.11
CA SER B 139 -12.41 10.85 -16.17
C SER B 139 -12.40 10.11 -17.50
N ILE B 140 -12.30 8.77 -17.47
CA ILE B 140 -12.31 8.00 -18.70
C ILE B 140 -13.73 7.76 -19.15
N ASN B 141 -14.61 7.44 -18.19
CA ASN B 141 -15.99 7.10 -18.52
C ASN B 141 -16.77 8.29 -19.05
N GLU B 142 -16.37 9.51 -18.65
CA GLU B 142 -16.93 10.71 -19.26
C GLU B 142 -16.37 10.92 -20.66
N LEU B 143 -15.06 10.71 -20.84
CA LEU B 143 -14.45 10.79 -22.17
C LEU B 143 -15.17 9.90 -23.18
N TRP B 144 -15.61 8.72 -22.75
CA TRP B 144 -16.36 7.82 -23.62
C TRP B 144 -17.70 8.42 -23.99
N ARG B 145 -18.46 8.89 -23.00
CA ARG B 145 -19.70 9.62 -23.29
C ARG B 145 -19.43 10.78 -24.25
N GLN B 146 -18.37 11.54 -24.00
CA GLN B 146 -17.98 12.69 -24.82
C GLN B 146 -17.36 12.30 -26.15
N ILE B 147 -17.20 11.00 -26.43
CA ILE B 147 -16.69 10.52 -27.71
C ILE B 147 -17.89 10.04 -28.54
N LYS B 148 -18.88 9.45 -27.85
CA LYS B 148 -20.09 9.01 -28.53
C LYS B 148 -20.96 10.19 -28.93
N ALA B 149 -20.83 11.32 -28.22
CA ALA B 149 -21.58 12.51 -28.54
C ALA B 149 -20.88 13.33 -29.63
N LEU B 150 -19.81 14.03 -29.27
CA LEU B 150 -19.13 15.01 -30.11
C LEU B 150 -18.37 14.40 -31.26
N ASP B 151 -18.41 13.08 -31.39
CA ASP B 151 -17.51 12.45 -32.35
C ASP B 151 -17.96 11.04 -32.65
N SER B 152 -19.24 10.88 -33.02
CA SER B 152 -19.78 9.57 -33.33
C SER B 152 -19.13 8.93 -34.55
N GLU B 153 -18.20 9.61 -35.25
CA GLU B 153 -17.47 8.95 -36.32
C GLU B 153 -15.96 9.10 -36.15
N ARG B 154 -15.51 9.12 -34.89
CA ARG B 154 -14.16 8.71 -34.51
C ARG B 154 -13.07 9.46 -35.29
N SER B 155 -13.15 10.78 -35.30
CA SER B 155 -12.13 11.56 -35.97
C SER B 155 -10.82 11.59 -35.19
N ILE B 156 -10.91 11.65 -33.85
CA ILE B 156 -9.74 11.72 -32.98
C ILE B 156 -9.51 10.35 -32.35
N SER B 157 -8.26 9.89 -32.44
CA SER B 157 -7.83 8.59 -31.92
C SER B 157 -7.15 8.80 -30.57
N TRP B 158 -7.69 8.16 -29.54
CA TRP B 158 -7.28 8.39 -28.16
C TRP B 158 -6.45 7.24 -27.60
N SER B 159 -5.52 7.61 -26.72
CA SER B 159 -4.85 6.71 -25.78
C SER B 159 -4.92 7.34 -24.40
N VAL B 160 -4.41 6.64 -23.40
CA VAL B 160 -4.55 7.14 -22.04
C VAL B 160 -3.36 6.65 -21.22
N ILE B 161 -2.70 7.59 -20.54
CA ILE B 161 -1.67 7.27 -19.56
C ILE B 161 -2.38 7.16 -18.21
N ASP B 162 -2.90 5.97 -17.90
CA ASP B 162 -3.82 5.77 -16.79
C ASP B 162 -3.15 5.57 -15.41
N ARG B 163 -1.83 5.61 -15.29
CA ARG B 163 -1.10 5.61 -14.01
C ARG B 163 0.39 5.75 -14.27
N TRP B 164 1.11 6.10 -13.22
CA TRP B 164 2.57 6.22 -13.27
C TRP B 164 3.16 6.33 -11.87
N PRO B 165 2.86 5.39 -10.98
CA PRO B 165 3.19 5.60 -9.57
C PRO B 165 4.65 5.84 -9.28
N THR B 166 5.59 5.34 -10.10
CA THR B 166 7.01 5.54 -9.78
C THR B 166 7.83 6.06 -10.95
N ASN B 167 7.22 6.87 -11.82
CA ASN B 167 8.00 7.70 -12.73
C ASN B 167 9.12 8.36 -11.94
N GLU B 168 10.34 8.35 -12.49
CA GLU B 168 11.46 8.71 -11.64
C GLU B 168 11.59 10.21 -11.49
N GLY B 169 11.13 10.99 -12.48
CA GLY B 169 11.04 12.43 -12.29
C GLY B 169 10.18 12.77 -11.07
N LEU B 170 9.08 12.04 -10.90
CA LEU B 170 8.19 12.17 -9.75
C LEU B 170 8.91 11.80 -8.47
N ILE B 171 9.28 10.52 -8.35
CA ILE B 171 10.01 10.03 -7.19
C ILE B 171 11.14 10.97 -6.82
N LYS B 172 11.91 11.41 -7.81
CA LYS B 172 13.08 12.25 -7.50
C LYS B 172 12.65 13.64 -7.08
N ALA B 173 11.66 14.23 -7.76
CA ALA B 173 11.22 15.58 -7.38
C ALA B 173 10.66 15.59 -5.96
N PHE B 174 10.05 14.48 -5.51
CA PHE B 174 9.52 14.45 -4.16
C PHE B 174 10.64 14.39 -3.13
N SER B 175 11.68 13.60 -3.39
CA SER B 175 12.94 13.83 -2.71
C SER B 175 13.47 15.20 -3.13
N GLU B 176 14.66 15.56 -2.68
CA GLU B 176 15.12 16.93 -2.88
C GLU B 176 14.15 17.90 -2.22
N ASN B 177 12.92 17.96 -2.70
CA ASN B 177 11.89 18.73 -2.01
C ASN B 177 11.84 18.35 -0.52
N ILE B 178 11.63 17.05 -0.24
CA ILE B 178 11.56 16.61 1.16
C ILE B 178 12.86 16.90 1.87
N THR B 179 14.00 16.59 1.23
CA THR B 179 15.28 16.91 1.85
C THR B 179 15.42 18.41 2.11
N LYS B 180 15.04 19.25 1.14
CA LYS B 180 15.18 20.69 1.32
C LYS B 180 14.18 21.23 2.35
N LYS B 181 12.98 20.63 2.43
CA LYS B 181 12.09 20.99 3.53
C LYS B 181 12.55 20.43 4.87
N LEU B 182 13.35 19.35 4.89
CA LEU B 182 13.95 18.89 6.13
C LEU B 182 15.03 19.82 6.66
N GLN B 183 15.63 20.64 5.79
CA GLN B 183 16.69 21.54 6.23
C GLN B 183 16.16 22.75 6.97
N GLU B 184 14.84 22.98 6.94
CA GLU B 184 14.19 24.04 7.70
C GLU B 184 14.04 23.70 9.17
N PHE B 185 14.45 22.50 9.59
CA PHE B 185 14.31 22.01 10.94
C PHE B 185 15.63 22.18 11.70
N PRO B 186 15.53 22.37 13.03
CA PRO B 186 16.70 22.72 13.85
C PRO B 186 18.06 22.16 13.44
N GLN B 187 18.13 20.86 13.06
CA GLN B 187 19.29 20.10 12.59
C GLN B 187 19.69 18.99 13.56
N PRO B 188 19.65 19.19 14.88
CA PRO B 188 19.74 18.03 15.77
C PRO B 188 18.47 17.19 15.74
N VAL B 189 17.38 17.70 15.19
CA VAL B 189 16.14 16.95 15.10
C VAL B 189 16.00 16.24 13.76
N ARG B 190 16.44 16.89 12.68
CA ARG B 190 16.24 16.52 11.29
C ARG B 190 15.86 15.07 11.06
N ASP B 191 16.77 14.13 11.35
CA ASP B 191 16.59 12.70 11.07
C ASP B 191 15.48 12.04 11.89
N LYS B 192 14.82 12.74 12.80
CA LYS B 192 13.72 12.15 13.56
C LYS B 192 12.36 12.82 13.27
N VAL B 193 12.35 13.87 12.45
CA VAL B 193 11.10 14.33 11.84
C VAL B 193 10.46 13.17 11.11
N VAL B 194 9.20 12.89 11.41
CA VAL B 194 8.48 11.81 10.75
C VAL B 194 7.84 12.36 9.49
N LEU B 195 8.19 11.76 8.35
CA LEU B 195 7.57 12.17 7.08
C LEU B 195 6.20 11.55 7.02
N LEU B 196 5.17 12.35 7.23
CA LEU B 196 3.81 11.88 7.08
C LEU B 196 3.38 12.11 5.64
N PHE B 197 3.32 11.03 4.86
CA PHE B 197 2.83 11.08 3.50
C PHE B 197 1.31 11.04 3.54
N SER B 198 0.66 12.08 3.01
CA SER B 198 -0.78 12.21 3.11
C SER B 198 -1.37 12.18 1.71
N ALA B 199 -2.24 11.22 1.47
CA ALA B 199 -2.98 11.06 0.23
C ALA B 199 -4.46 11.31 0.49
N CYS B 200 -5.15 11.95 -0.44
CA CYS B 200 -6.61 11.98 -0.36
C CYS B 200 -7.13 10.57 -0.11
N SER B 201 -8.17 10.45 0.73
CA SER B 201 -8.59 9.11 1.12
C SER B 201 -9.59 8.56 0.10
N LEU B 202 -10.37 7.54 0.48
CA LEU B 202 -11.33 6.84 -0.36
C LEU B 202 -12.31 6.16 0.55
N PRO B 203 -13.61 6.14 0.24
CA PRO B 203 -14.53 5.33 1.03
C PRO B 203 -14.02 3.91 1.08
N MET B 204 -14.28 3.24 2.18
CA MET B 204 -13.98 1.82 2.23
C MET B 204 -14.77 1.02 1.21
N ASP B 205 -15.92 1.52 0.76
CA ASP B 205 -16.64 0.70 -0.22
C ASP B 205 -16.03 0.80 -1.63
N VAL B 206 -15.27 1.84 -1.95
CA VAL B 206 -14.45 1.77 -3.15
C VAL B 206 -13.25 0.84 -2.90
N VAL B 207 -12.52 1.07 -1.80
CA VAL B 207 -11.37 0.23 -1.43
C VAL B 207 -11.72 -1.25 -1.52
N ASN B 208 -12.87 -1.65 -1.00
CA ASN B 208 -13.22 -3.05 -0.90
C ASN B 208 -13.74 -3.64 -2.21
N THR B 209 -13.89 -2.83 -3.28
CA THR B 209 -14.13 -3.40 -4.60
C THR B 209 -12.88 -3.99 -5.19
N GLY B 210 -11.70 -3.52 -4.76
CA GLY B 210 -10.43 -3.96 -5.30
C GLY B 210 -9.68 -2.82 -5.96
N ASP B 211 -10.10 -1.58 -5.69
CA ASP B 211 -9.50 -0.42 -6.33
C ASP B 211 -7.98 -0.41 -6.22
N ALA B 212 -7.31 0.03 -7.28
CA ALA B 212 -5.85 0.05 -7.38
C ALA B 212 -5.18 1.15 -6.56
N TYR B 213 -5.95 2.11 -6.04
CA TYR B 213 -5.36 3.35 -5.52
C TYR B 213 -4.51 3.19 -4.27
N PRO B 214 -4.98 2.51 -3.20
CA PRO B 214 -4.18 2.49 -1.96
C PRO B 214 -2.79 1.91 -2.15
N ALA B 215 -2.69 0.74 -2.79
CA ALA B 215 -1.39 0.10 -3.01
C ALA B 215 -0.52 0.93 -3.94
N GLU B 216 -1.11 1.60 -4.93
CA GLU B 216 -0.27 2.34 -5.85
C GLU B 216 0.32 3.59 -5.18
N VAL B 217 -0.44 4.26 -4.32
CA VAL B 217 0.14 5.30 -3.47
C VAL B 217 1.32 4.72 -2.66
N ALA B 218 1.09 3.59 -1.98
CA ALA B 218 2.14 3.01 -1.14
C ALA B 218 3.41 2.72 -1.93
N ALA B 219 3.27 2.38 -3.22
CA ALA B 219 4.46 2.12 -4.02
C ALA B 219 5.27 3.41 -4.20
N THR B 220 4.58 4.53 -4.34
CA THR B 220 5.32 5.78 -4.49
C THR B 220 6.02 6.15 -3.19
N VAL B 221 5.33 6.02 -2.06
CA VAL B 221 5.94 6.35 -0.77
C VAL B 221 7.23 5.57 -0.59
N TYR B 222 7.14 4.26 -0.71
CA TYR B 222 8.30 3.41 -0.44
C TYR B 222 9.47 3.79 -1.33
N ASN B 223 9.19 4.07 -2.62
CA ASN B 223 10.25 4.47 -3.55
C ASN B 223 10.90 5.77 -3.15
N ILE B 224 10.13 6.74 -2.67
CA ILE B 224 10.73 7.95 -2.12
C ILE B 224 11.66 7.60 -0.97
N MET B 225 11.15 6.90 0.03
CA MET B 225 11.96 6.60 1.19
C MET B 225 13.19 5.79 0.83
N GLN B 226 13.17 5.05 -0.27
CA GLN B 226 14.37 4.36 -0.72
C GLN B 226 15.44 5.36 -1.14
N LYS B 227 15.09 6.29 -2.03
CA LYS B 227 16.07 7.31 -2.41
C LYS B 227 16.50 8.14 -1.21
N LEU B 228 15.61 8.34 -0.24
CA LEU B 228 15.99 8.98 1.00
C LEU B 228 16.72 8.04 1.93
N LYS B 229 17.00 6.82 1.45
CA LYS B 229 17.72 5.81 2.21
C LYS B 229 17.18 5.67 3.64
N PHE B 230 15.88 5.87 3.81
CA PHE B 230 15.18 5.66 5.07
C PHE B 230 15.83 6.41 6.23
N LYS B 231 16.43 7.58 5.91
CA LYS B 231 16.94 8.47 6.94
C LYS B 231 15.93 8.71 8.05
N ASN B 232 14.66 8.88 7.69
CA ASN B 232 13.64 9.37 8.60
C ASN B 232 12.57 8.33 8.85
N PRO B 233 11.82 8.47 9.93
CA PRO B 233 10.55 7.76 10.07
C PRO B 233 9.48 8.33 9.15
N TYR B 234 8.54 7.47 8.79
CA TYR B 234 7.49 7.89 7.88
C TYR B 234 6.29 6.98 8.08
N ARG B 235 5.14 7.47 7.65
CA ARG B 235 3.88 6.75 7.63
C ARG B 235 3.05 7.29 6.47
N LEU B 236 2.38 6.40 5.74
CA LEU B 236 1.42 6.83 4.71
C LEU B 236 0.05 6.89 5.37
N VAL B 237 -0.54 8.08 5.38
CA VAL B 237 -1.82 8.34 6.00
C VAL B 237 -2.69 9.07 4.99
N TRP B 238 -3.94 9.32 5.37
CA TRP B 238 -4.99 9.65 4.44
C TRP B 238 -5.81 10.82 4.98
N GLN B 239 -6.13 11.79 4.10
CA GLN B 239 -6.89 12.99 4.46
C GLN B 239 -8.15 13.09 3.59
N SER B 240 -8.97 14.09 3.90
CA SER B 240 -10.17 14.49 3.13
C SER B 240 -11.39 13.60 3.37
N GLN B 241 -11.46 12.89 4.49
CA GLN B 241 -12.66 12.09 4.77
C GLN B 241 -13.85 13.01 5.05
N VAL B 242 -14.99 12.74 4.39
CA VAL B 242 -16.23 13.49 4.60
C VAL B 242 -17.40 12.55 4.36
N GLY B 243 -18.55 12.89 4.94
CA GLY B 243 -19.72 12.08 4.80
C GLY B 243 -19.77 11.01 5.85
N PRO B 244 -20.75 10.11 5.76
CA PRO B 244 -21.00 9.16 6.85
C PRO B 244 -20.38 7.78 6.71
N LYS B 245 -19.80 7.45 5.58
CA LYS B 245 -19.40 6.05 5.55
C LYS B 245 -17.95 5.93 6.00
N PRO B 246 -17.53 4.74 6.45
CA PRO B 246 -16.14 4.58 6.90
C PRO B 246 -15.16 4.75 5.75
N TRP B 247 -14.11 5.52 5.96
CA TRP B 247 -13.08 5.76 4.95
C TRP B 247 -11.78 5.08 5.37
N LEU B 248 -10.77 5.26 4.53
CA LEU B 248 -9.54 4.48 4.65
C LEU B 248 -8.59 5.13 5.65
N GLY B 249 -8.25 4.37 6.70
CA GLY B 249 -6.91 4.22 7.24
C GLY B 249 -6.22 5.45 7.75
N ALA B 250 -5.95 5.50 9.05
CA ALA B 250 -5.26 6.61 9.69
C ALA B 250 -5.57 7.95 9.05
N GLN B 251 -6.66 8.57 9.49
CA GLN B 251 -6.96 9.95 9.14
C GLN B 251 -5.76 10.84 9.43
N THR B 252 -5.33 11.61 8.43
CA THR B 252 -4.13 12.43 8.57
C THR B 252 -4.20 13.35 9.78
N ALA B 253 -5.35 14.00 9.99
CA ALA B 253 -5.44 15.04 11.01
C ALA B 253 -5.29 14.43 12.41
N GLU B 254 -5.96 13.31 12.66
CA GLU B 254 -5.88 12.66 13.96
C GLU B 254 -4.45 12.20 14.25
N ILE B 255 -3.77 11.64 13.24
CA ILE B 255 -2.42 11.15 13.48
C ILE B 255 -1.51 12.29 13.91
N ALA B 256 -1.64 13.46 13.28
CA ALA B 256 -0.77 14.58 13.62
C ALA B 256 -1.02 15.05 15.05
N GLU B 257 -2.28 15.08 15.48
CA GLU B 257 -2.63 15.42 16.86
C GLU B 257 -1.99 14.43 17.83
N PHE B 258 -2.33 13.16 17.68
CA PHE B 258 -1.81 12.09 18.54
C PHE B 258 -0.29 12.10 18.59
N LEU B 259 0.37 12.55 17.51
CA LEU B 259 1.82 12.57 17.50
C LEU B 259 2.43 13.88 18.00
N GLY B 260 1.70 14.99 17.87
CA GLY B 260 2.23 16.31 18.13
C GLY B 260 3.07 16.42 19.38
N PRO B 261 2.47 16.04 20.54
CA PRO B 261 3.22 16.08 21.80
C PRO B 261 4.13 14.89 21.98
N LYS B 262 4.49 14.21 20.91
CA LYS B 262 5.39 13.07 21.02
C LYS B 262 6.59 13.15 20.10
N VAL B 263 6.67 14.17 19.25
CA VAL B 263 7.65 14.22 18.18
C VAL B 263 8.32 15.58 18.17
N ASP B 264 9.62 15.59 17.85
CA ASP B 264 10.35 16.84 17.70
C ASP B 264 9.87 17.64 16.48
N GLY B 265 9.03 17.07 15.64
CA GLY B 265 8.64 17.69 14.40
C GLY B 265 7.90 16.69 13.54
N LEU B 266 7.52 17.14 12.35
CA LEU B 266 6.53 16.43 11.55
C LEU B 266 6.35 17.08 10.19
N MET B 267 6.57 16.36 9.08
CA MET B 267 6.43 16.94 7.75
C MET B 267 5.29 16.29 6.96
N PHE B 268 4.49 17.13 6.32
CA PHE B 268 3.37 16.67 5.51
C PHE B 268 3.77 16.68 4.03
N ILE B 269 3.42 15.61 3.32
CA ILE B 269 3.85 15.43 1.94
C ILE B 269 2.62 15.18 1.08
N PRO B 270 2.34 16.02 0.06
CA PRO B 270 1.18 15.84 -0.83
C PRO B 270 1.45 14.77 -1.88
N ILE B 271 1.45 13.52 -1.39
CA ILE B 271 2.04 12.42 -2.16
C ILE B 271 1.21 12.12 -3.39
N ALA B 272 -0.11 12.32 -3.36
CA ALA B 272 -1.01 11.85 -4.41
C ALA B 272 -1.57 12.97 -5.30
N PHE B 273 -0.92 14.13 -5.37
CA PHE B 273 -1.29 15.14 -6.37
C PHE B 273 -0.07 15.99 -6.73
N THR B 274 -0.13 16.63 -7.89
CA THR B 274 1.09 17.19 -8.49
C THR B 274 1.19 18.70 -8.39
N SER B 275 0.20 19.36 -7.80
CA SER B 275 0.27 20.80 -7.63
C SER B 275 -0.46 21.16 -6.35
N ASP B 276 -0.31 22.42 -5.95
CA ASP B 276 -1.09 22.91 -4.82
C ASP B 276 -2.54 22.98 -5.21
N HIS B 277 -3.42 22.67 -4.27
CA HIS B 277 -4.85 22.84 -4.45
C HIS B 277 -5.47 23.00 -3.07
N ILE B 278 -6.77 22.80 -2.96
CA ILE B 278 -7.43 23.06 -1.69
C ILE B 278 -6.86 22.17 -0.58
N GLU B 279 -6.50 20.93 -0.91
CA GLU B 279 -6.00 20.00 0.10
C GLU B 279 -4.70 20.48 0.73
N THR B 280 -3.85 21.17 -0.03
CA THR B 280 -2.58 21.59 0.54
C THR B 280 -2.67 22.95 1.24
N LEU B 281 -3.17 23.96 0.53
CA LEU B 281 -3.20 25.32 1.07
C LEU B 281 -4.22 25.47 2.18
N HIS B 282 -5.34 24.75 2.09
CA HIS B 282 -6.35 24.80 3.13
C HIS B 282 -6.18 23.70 4.19
N GLU B 283 -6.54 22.47 3.86
CA GLU B 283 -6.71 21.40 4.84
C GLU B 283 -5.46 21.20 5.71
N ILE B 284 -4.28 21.35 5.13
CA ILE B 284 -3.04 21.17 5.87
C ILE B 284 -2.57 22.49 6.45
N ASP B 285 -2.32 23.49 5.58
CA ASP B 285 -1.68 24.72 6.02
C ASP B 285 -2.52 25.47 7.05
N LEU B 286 -3.80 25.69 6.72
CA LEU B 286 -4.70 26.40 7.63
C LEU B 286 -5.41 25.46 8.59
N GLY B 287 -5.70 24.23 8.19
CA GLY B 287 -6.53 23.32 8.98
C GLY B 287 -5.80 22.35 9.89
N VAL B 288 -4.74 21.71 9.39
CA VAL B 288 -4.02 20.74 10.19
C VAL B 288 -2.82 21.39 10.87
N ILE B 289 -2.19 22.36 10.22
CA ILE B 289 -1.03 23.04 10.80
C ILE B 289 -1.45 24.29 11.58
N GLY B 290 -2.19 25.20 10.94
CA GLY B 290 -2.43 26.50 11.54
C GLY B 290 -3.32 26.47 12.77
N GLU B 291 -4.32 25.59 12.78
CA GLU B 291 -5.18 25.37 13.94
C GLU B 291 -4.57 24.39 14.94
N SER B 292 -3.28 24.51 15.26
CA SER B 292 -2.62 23.52 16.11
C SER B 292 -1.56 24.14 16.99
N GLU B 293 -1.50 23.67 18.24
CA GLU B 293 -0.51 24.14 19.21
C GLU B 293 0.91 23.87 18.72
N TYR B 294 1.14 22.68 18.15
CA TYR B 294 2.46 22.24 17.70
C TYR B 294 2.81 22.73 16.30
N LYS B 295 2.15 23.80 15.87
CA LYS B 295 2.33 24.32 14.52
C LYS B 295 3.78 24.67 14.23
N ASP B 296 4.56 25.06 15.25
CA ASP B 296 5.95 25.44 15.01
C ASP B 296 6.79 24.25 14.58
N LYS B 297 6.42 23.03 14.97
CA LYS B 297 7.11 21.85 14.51
C LYS B 297 6.37 21.12 13.41
N PHE B 298 5.24 21.67 12.93
CA PHE B 298 4.48 21.12 11.82
C PHE B 298 4.83 21.89 10.54
N LYS B 299 5.59 21.27 9.64
CA LYS B 299 6.01 21.84 8.36
C LYS B 299 5.46 21.00 7.20
N ARG B 300 5.20 21.65 6.06
CA ARG B 300 4.73 20.94 4.88
C ARG B 300 5.71 21.08 3.72
N CYS B 301 5.95 19.96 3.05
CA CYS B 301 6.85 19.88 1.90
C CYS B 301 6.23 20.55 0.69
N GLU B 302 7.08 21.15 -0.15
CA GLU B 302 6.58 21.91 -1.28
C GLU B 302 5.90 21.01 -2.29
N SER B 303 4.79 21.49 -2.85
CA SER B 303 4.07 20.71 -3.84
C SER B 303 4.85 20.71 -5.15
N LEU B 304 4.51 19.77 -6.04
CA LEU B 304 5.34 19.58 -7.23
C LEU B 304 5.29 20.79 -8.15
N ASN B 305 4.11 21.09 -8.71
CA ASN B 305 3.88 22.34 -9.44
C ASN B 305 4.77 22.47 -10.68
N GLY B 306 5.76 23.35 -10.63
CA GLY B 306 6.63 23.65 -11.75
C GLY B 306 8.03 23.10 -11.61
N ASN B 307 8.22 22.12 -10.73
CA ASN B 307 9.52 21.50 -10.51
C ASN B 307 10.14 21.00 -11.81
N GLN B 308 11.28 21.58 -12.17
CA GLN B 308 11.92 21.29 -13.45
C GLN B 308 12.16 19.80 -13.63
N THR B 309 12.73 19.17 -12.59
CA THR B 309 12.96 17.73 -12.61
C THR B 309 11.66 16.97 -12.79
N PHE B 310 10.60 17.44 -12.13
CA PHE B 310 9.29 16.79 -12.24
C PHE B 310 8.76 16.86 -13.65
N ILE B 311 8.81 18.05 -14.28
CA ILE B 311 8.17 18.22 -15.59
C ILE B 311 8.92 17.41 -16.64
N GLU B 312 10.25 17.36 -16.53
CA GLU B 312 11.04 16.52 -17.43
C GLU B 312 10.66 15.05 -17.27
N GLY B 313 10.48 14.58 -16.03
CA GLY B 313 9.99 13.23 -15.82
C GLY B 313 8.62 12.99 -16.45
N MET B 314 7.72 13.97 -16.35
CA MET B 314 6.48 13.90 -17.11
C MET B 314 6.75 13.83 -18.61
N ALA B 315 7.79 14.54 -19.07
CA ALA B 315 8.08 14.55 -20.51
C ALA B 315 8.44 13.15 -20.98
N ASP B 316 9.42 12.53 -20.35
CA ASP B 316 9.83 11.21 -20.79
C ASP B 316 8.73 10.18 -20.65
N LEU B 317 7.75 10.45 -19.78
CA LEU B 317 6.63 9.53 -19.61
C LEU B 317 5.70 9.53 -20.82
N VAL B 318 5.26 10.71 -21.23
CA VAL B 318 4.49 10.82 -22.48
C VAL B 318 5.33 10.35 -23.66
N LYS B 319 6.58 10.81 -23.70
CA LYS B 319 7.51 10.36 -24.74
C LYS B 319 7.47 8.84 -24.91
N SER B 320 7.61 8.11 -23.81
CA SER B 320 7.68 6.67 -23.92
C SER B 320 6.30 6.03 -24.03
N HIS B 321 5.25 6.72 -23.61
CA HIS B 321 3.90 6.20 -23.85
C HIS B 321 3.58 6.22 -25.34
N LEU B 322 3.86 7.34 -26.01
CA LEU B 322 3.51 7.47 -27.42
C LEU B 322 4.36 6.56 -28.28
N GLN B 323 5.67 6.53 -28.02
CA GLN B 323 6.55 5.79 -28.89
C GLN B 323 6.43 4.29 -28.73
N SER B 324 5.85 3.82 -27.64
CA SER B 324 5.60 2.39 -27.55
C SER B 324 4.16 2.05 -27.84
N ASN B 325 3.39 2.99 -28.41
CA ASN B 325 2.24 2.65 -29.25
C ASN B 325 1.24 1.73 -28.55
N GLN B 326 1.04 1.86 -27.24
CA GLN B 326 -0.08 1.14 -26.62
C GLN B 326 -1.11 2.12 -26.07
N LEU B 327 -2.36 1.64 -26.03
CA LEU B 327 -3.49 2.51 -25.76
C LEU B 327 -3.71 2.72 -24.28
N TYR B 328 -3.37 1.73 -23.46
CA TYR B 328 -3.60 1.76 -22.02
C TYR B 328 -2.82 0.62 -21.39
N SER B 329 -2.47 0.79 -20.10
CA SER B 329 -1.80 -0.25 -19.35
C SER B 329 -2.66 -1.52 -19.29
N ASN B 330 -2.03 -2.64 -18.95
CA ASN B 330 -2.76 -3.90 -18.87
C ASN B 330 -3.39 -4.14 -17.49
N GLN B 331 -3.34 -3.13 -16.62
CA GLN B 331 -4.20 -3.11 -15.44
C GLN B 331 -5.60 -2.60 -15.76
N LEU B 332 -5.73 -1.74 -16.77
CA LEU B 332 -7.01 -1.05 -17.00
C LEU B 332 -8.19 -1.99 -17.25
N PRO B 333 -8.09 -3.08 -18.02
CA PRO B 333 -9.28 -3.95 -18.10
C PRO B 333 -9.67 -4.50 -16.75
N LEU B 334 -8.68 -4.85 -15.93
CA LEU B 334 -8.96 -5.23 -14.55
C LEU B 334 -9.66 -4.10 -13.81
N ASP B 335 -9.13 -2.88 -13.91
CA ASP B 335 -9.74 -1.76 -13.19
C ASP B 335 -11.25 -1.70 -13.46
N PHE B 336 -11.63 -1.75 -14.73
CA PHE B 336 -13.02 -1.52 -15.12
C PHE B 336 -13.91 -2.72 -14.86
N ALA B 337 -13.33 -3.93 -14.79
CA ALA B 337 -14.10 -5.11 -14.41
C ALA B 337 -14.49 -5.07 -12.94
N LEU B 338 -13.70 -4.38 -12.12
CA LEU B 338 -13.93 -4.32 -10.68
C LEU B 338 -14.64 -3.06 -10.26
N GLY B 339 -14.45 -1.98 -10.99
CA GLY B 339 -15.11 -0.74 -10.67
C GLY B 339 -16.62 -0.82 -10.81
N LYS B 340 -17.29 0.07 -10.10
CA LYS B 340 -18.74 0.13 -10.04
C LYS B 340 -19.16 1.50 -10.54
N SER B 341 -20.12 1.52 -11.46
CA SER B 341 -20.52 2.72 -12.18
C SER B 341 -21.81 2.46 -12.94
N ASN B 342 -22.76 3.38 -12.84
CA ASN B 342 -24.04 3.14 -13.50
C ASN B 342 -23.94 3.21 -15.01
N ASP B 343 -22.84 3.73 -15.56
CA ASP B 343 -22.70 3.90 -17.01
C ASP B 343 -21.23 3.78 -17.39
N PRO B 344 -20.75 2.56 -17.54
CA PRO B 344 -19.30 2.37 -17.75
C PRO B 344 -18.92 2.03 -19.17
N VAL B 345 -17.77 2.54 -19.62
CA VAL B 345 -16.99 1.91 -20.67
C VAL B 345 -17.09 0.41 -20.50
N LYS B 346 -17.65 -0.29 -21.48
CA LYS B 346 -17.64 -1.75 -21.45
C LYS B 346 -16.65 -2.35 -22.42
N ASP B 347 -15.84 -1.54 -23.10
CA ASP B 347 -14.80 -2.10 -23.97
C ASP B 347 -13.81 -1.00 -24.33
N LEU B 348 -12.69 -0.97 -23.62
CA LEU B 348 -11.67 0.04 -23.85
C LEU B 348 -10.97 -0.09 -25.19
N SER B 349 -11.13 -1.25 -25.86
CA SER B 349 -10.66 -1.36 -27.24
C SER B 349 -11.40 -0.40 -28.16
N LEU B 350 -12.73 -0.32 -27.99
CA LEU B 350 -13.57 0.61 -28.73
C LEU B 350 -13.25 2.05 -28.39
N VAL B 351 -12.93 2.34 -27.12
CA VAL B 351 -12.78 3.72 -26.68
C VAL B 351 -11.48 4.33 -27.18
N PHE B 352 -10.37 3.59 -27.13
CA PHE B 352 -9.08 4.13 -27.50
C PHE B 352 -8.59 3.51 -28.80
N GLY B 353 -7.71 4.23 -29.49
CA GLY B 353 -7.24 3.80 -30.80
C GLY B 353 -8.12 4.31 -31.93
N ASN B 354 -7.72 3.94 -33.15
CA ASN B 354 -8.39 4.40 -34.36
C ASN B 354 -9.66 3.61 -34.65
N HIS B 355 -10.72 4.33 -35.07
CA HIS B 355 -11.98 3.67 -35.38
C HIS B 355 -12.78 4.38 -36.48
N GLU B 356 -12.13 5.20 -37.30
CA GLU B 356 -12.81 5.92 -38.39
C GLU B 356 -13.50 4.97 -39.37
C1 CHD C . -3.68 -16.30 13.29
C2 CHD C . -3.42 -17.13 12.04
C3 CHD C . -3.25 -16.21 10.81
O3 CHD C . -3.11 -17.04 9.70
C4 CHD C . -4.47 -15.27 10.61
C5 CHD C . -4.76 -14.42 11.84
C6 CHD C . -6.11 -13.55 11.55
C7 CHD C . -7.51 -14.15 12.05
O7 CHD C . -8.10 -14.87 11.01
C8 CHD C . -7.45 -15.04 13.29
C9 CHD C . -6.16 -16.02 13.26
C10 CHD C . -4.81 -15.26 13.16
C11 CHD C . -6.12 -16.98 14.41
C12 CHD C . -7.56 -17.71 14.81
O12 CHD C . -7.80 -18.83 14.09
C13 CHD C . -8.78 -16.82 14.70
C14 CHD C . -8.77 -15.83 13.49
C15 CHD C . -10.19 -15.09 13.63
C16 CHD C . -11.21 -16.15 14.21
C17 CHD C . -10.29 -17.48 14.68
C18 CHD C . -8.73 -15.85 15.88
C19 CHD C . -4.65 -14.35 14.37
C20 CHD C . -10.77 -18.01 15.86
C21 CHD C . -9.98 -19.29 16.37
C22 CHD C . -12.26 -18.51 15.61
C23 CHD C . -12.20 -19.92 15.01
O25 CHD C . -14.27 -19.69 13.73
C24 CHD C . -13.60 -20.39 14.55
O26 CHD C . -14.04 -21.48 15.00
C1 CHD D . -17.08 -18.73 32.52
C2 CHD D . -18.60 -18.93 32.46
C3 CHD D . -19.23 -18.64 31.06
O3 CHD D . -20.59 -18.35 31.25
C4 CHD D . -18.60 -17.47 30.26
C5 CHD D . -17.08 -17.33 30.39
C6 CHD D . -16.62 -15.95 29.71
C7 CHD D . -16.96 -14.64 30.55
O7 CHD D . -18.32 -14.37 30.42
C8 CHD D . -16.59 -14.79 32.00
C9 CHD D . -17.18 -16.19 32.62
C10 CHD D . -16.62 -17.41 31.86
C11 CHD D . -16.97 -16.28 34.10
C12 CHD D . -17.58 -14.89 34.80
O12 CHD D . -18.85 -14.72 34.37
C13 CHD D . -16.81 -13.70 34.33
C14 CHD D . -17.07 -13.57 32.80
C15 CHD D . -16.66 -12.07 32.36
C16 CHD D . -16.50 -11.23 33.69
C17 CHD D . -17.08 -12.20 34.93
C18 CHD D . -15.32 -13.97 34.54
C19 CHD D . -15.10 -17.33 31.90
C20 CHD D . -16.43 -11.90 36.07
C21 CHD D . -16.99 -12.66 37.36
C22 CHD D . -16.69 -10.35 36.29
C23 CHD D . -16.37 -9.95 37.72
O25 CHD D . -17.24 -7.71 37.77
C24 CHD D . -16.22 -8.43 37.61
O26 CHD D . -15.09 -7.93 37.33
#